data_7E8F
#
_entry.id   7E8F
#
_cell.length_a   1.00
_cell.length_b   1.00
_cell.length_c   1.00
_cell.angle_alpha   90.00
_cell.angle_beta   90.00
_cell.angle_gamma   90.00
#
_symmetry.space_group_name_H-M   'P 1'
#
loop_
_entity.id
_entity.type
_entity.pdbx_description
1 polymer 'Spike protein S1'
2 polymer 'N9 H'
3 polymer 'N9 L'
4 polymer '368-2 H'
5 polymer '368-2 L'
6 polymer '604 H'
7 polymer '604 L'
8 polymer 'Spike protein S1'
#
loop_
_entity_poly.entity_id
_entity_poly.type
_entity_poly.pdbx_seq_one_letter_code
_entity_poly.pdbx_strand_id
1 'polypeptide(L)'
;SQCVNLTTRTQLPPAYTNSFTRGVYYPDKVFRSSVLHSTQDLFLPFFSNVTWFHAIHVSGTNGTKRFDNPVLPFNDGVYF
ASTEKSNIIRGWIFGTTLDSKTQSLLIVNNATNVVIKVCEFQFCNDPFLGVYYHKNNKSWMESEFRVYSSANNCTFEYVS
QPFLMDLEGKQGNFKNLREFVFKNIDGYFKIYSKHTPINLVRDLPQGFSALEPLVDLPIGINITRFQTLLALHRSYLTPG
DSSSGWTAGAAAYYVGYLQPRTFLLKYNENGTITDAVDCALDPLSETKCTL
;
A
2 'polypeptide(L)'
;EVQLVESGGGLVKPGGSLRLSCAASEFTFSSYSMNWVRQAPGKGLEWVSSISSSGSQIYYADSVKGRFTISRDNAKKSLY
LQMNSLRVEDTAVYYCATNGGAHSSTWSFYGMDVWGQGTTVTVSSASTKGPSVFPLAPSSKSTSGGTAALGCLVKDYFPE
PVTVSWNSGALTSGVHTFPAVLQSSGLYSLSSVVTVPSSSLGTQTYICNVNHKPSNTKVDKKVEPKSCDK
;
H
3 'polypeptide(L)'
;SYELTQPPSVSVSPGQTATITCSGDKLGDKYACWYQQRPGQSPVLVIYQDSKRPSGIPERFSGSNSGNTATLTIGGTQAM
DEAAYFCQAWDSNTGVFGGGTKLTVLSQPKAAPSVTLFPPSSEELQANKATLVCLISDFYPGAVTVAWKADSSPVKAGVE
TTTPSKQSNNKYAASSYLSLTPEQWKSHRSYSCQVTHEGSTVEKTVAPTECS
;
L
4 'polypeptide(L)'
;EVQLLESGGGVVQPGGSLRLSCAASGFAFTTYAMNWVRQAPGRGLEWVSAISDGGGSAYYADSVKGRFTISRDNSKNTLY
LQMNSLRAEDTAVYYCAKTRGRGLYDYVWGSKDYWGQGTLVTVSSASTKGPSVFPLAPSSKSTSGGTAALGCLVKDYFPE
PVTVSWNSGALTSGVHTFPAVLQSSGLYSLSSVVTVPSSSLGTQTYICNVNHKPSNTKVDKKVEPKSCDK
;
C
5 'polypeptide(L)'
;DIVMTQSPLSLPVTPGEPASISCRSSQSLLHSNGYLYLDWYLQKPGQSPQLLIYLGSNRASGVPDRFSGSGSGTDFTLKI
SRVEAEDVGVYYCMQALQTPGTFGQGTRLEIKRTVAAPSVFIFPPSDEQLKSGTASVVCLLNNFYPREAKVQWKVDNALQ
SGNSQESVTEQDSKDSTYSLSSTLTLSKADYEKHKVYACEVTHQGLSSPVTKSFNRGEC
;
B
6 'polypeptide(L)'
;EVQLVESGGGLIQPGGSLRLSCAASGIIVSSNYMTWVRQAPGKGLEWVSVIYSGGSTFYADSVKGRFTISRDKSKNTLYL
QMSSLRAEDTAVYYCARDLGPYGMDVWGQGTTVTVSSASTKGPSVFPLAPSSKSTSGGTAALGCLVKDYFPEPVTVSWNS
GALTSGVHTFPAVLQSSGLYSLSSVVTVPSSSLGTQTYICNVNHKPSNTKVDKKVEPKSCDK
;
D
7 'polypeptide(L)'
;DIQLTQSPSFLSASVGDRVTITCRASQGISSDLAWYQQKPGKAPNLLIYAASTLQSGVPSRFSGSGSGTDFTLTISSLQP
EDFATYYCQQLNSDLYTFGQGTKLEIKRTVAAPSVFIFPPSDEQLKSGTASVVCLLNNFYPREAKVQWKVDNALQSGNSQ
ESVTEQDSKDSTYSLSSTLTLSKADYEKHKVYACEVTHQGLSSPVTKSFNRGEC
;
E
8 'polypeptide(L)'
;RVQPTESIVRFPNITNLCPFGEVFNATRFASVYAWNRKRISNCVADYSVLYNSASFSTFKCYGVSPTKLNDLCFTNVYAD
SFVIRGDEVRQIAPGQTGKIADYNYKLPDDFTGCVIAWNSNNLDSKVGGNYNYLYRLFRKSNLKPFERDISTEIYQAGST
PCNGVEGFNCYFPLQSYGFQPTNGVGYQPYRVVVLSFELLHAPATVCGPKKSTNLVKNKCVNF
;
R
#
# COMPACT_ATOMS: atom_id res chain seq x y z
N GLN A 2 13.57 17.46 -7.33
CA GLN A 2 14.81 18.17 -7.63
C GLN A 2 14.51 19.40 -8.49
N CYS A 3 15.05 19.40 -9.71
CA CYS A 3 14.77 20.43 -10.70
C CYS A 3 15.17 21.82 -10.19
N VAL A 4 16.47 21.99 -10.01
CA VAL A 4 17.04 23.32 -9.92
C VAL A 4 17.27 23.87 -11.33
N ASN A 5 16.76 25.07 -11.58
CA ASN A 5 16.86 25.70 -12.89
C ASN A 5 18.04 26.67 -12.92
N LEU A 6 18.87 26.53 -13.95
CA LEU A 6 20.07 27.35 -14.09
C LEU A 6 19.95 28.38 -15.21
N THR A 7 19.02 28.22 -16.14
CA THR A 7 18.92 29.13 -17.28
C THR A 7 18.37 30.46 -16.79
N THR A 8 19.19 31.25 -16.11
CA THR A 8 18.76 32.53 -15.59
C THR A 8 18.43 33.51 -16.71
N ARG A 9 19.44 33.96 -17.45
CA ARG A 9 19.20 34.89 -18.54
C ARG A 9 20.03 34.65 -19.79
N THR A 10 21.08 33.82 -19.73
CA THR A 10 22.01 33.63 -20.84
C THR A 10 21.29 33.41 -22.17
N GLN A 11 21.47 34.34 -23.11
CA GLN A 11 20.73 34.32 -24.38
C GLN A 11 21.65 34.71 -25.53
N LEU A 12 22.86 34.15 -25.56
CA LEU A 12 23.77 34.42 -26.65
C LEU A 12 23.23 33.83 -27.96
N PRO A 13 23.40 34.53 -29.08
CA PRO A 13 23.05 33.94 -30.37
C PRO A 13 23.93 32.75 -30.67
N PRO A 14 23.39 31.71 -31.30
CA PRO A 14 24.17 30.50 -31.54
C PRO A 14 25.33 30.74 -32.49
N ALA A 15 26.42 30.02 -32.27
CA ALA A 15 27.59 30.07 -33.12
C ALA A 15 27.69 28.78 -33.94
N TYR A 16 28.29 28.90 -35.12
CA TYR A 16 28.46 27.78 -36.03
C TYR A 16 29.93 27.54 -36.29
N THR A 17 30.38 26.32 -36.06
CA THR A 17 31.64 25.85 -36.60
C THR A 17 31.36 25.14 -37.92
N ASN A 18 32.32 24.40 -38.46
CA ASN A 18 32.18 23.76 -39.76
C ASN A 18 32.52 22.29 -39.64
N SER A 19 31.51 21.42 -39.73
CA SER A 19 31.75 19.99 -39.74
C SER A 19 32.27 19.59 -41.11
N PHE A 20 33.59 19.52 -41.26
CA PHE A 20 34.24 19.46 -42.56
C PHE A 20 33.76 18.28 -43.41
N THR A 21 34.10 17.07 -42.97
CA THR A 21 33.71 15.83 -43.66
C THR A 21 33.45 14.83 -42.53
N ARG A 22 32.21 14.77 -42.07
CA ARG A 22 31.95 14.22 -40.75
C ARG A 22 30.57 13.58 -40.72
N GLY A 23 30.38 12.67 -39.76
CA GLY A 23 29.10 12.01 -39.59
C GLY A 23 28.72 11.06 -40.70
N VAL A 24 29.68 10.33 -41.24
CA VAL A 24 29.43 9.38 -42.32
C VAL A 24 29.44 7.99 -41.67
N TYR A 25 28.25 7.50 -41.36
CA TYR A 25 28.09 6.22 -40.68
C TYR A 25 27.93 5.09 -41.70
N TYR A 26 28.02 3.86 -41.21
CA TYR A 26 27.73 2.68 -42.02
C TYR A 26 26.22 2.55 -42.17
N PRO A 27 25.65 2.92 -43.31
CA PRO A 27 24.20 2.90 -43.43
C PRO A 27 23.67 1.54 -43.85
N ASP A 28 24.22 0.47 -43.29
CA ASP A 28 23.94 -0.85 -43.82
C ASP A 28 24.69 -1.88 -42.98
N LYS A 29 24.25 -3.14 -43.09
CA LYS A 29 24.93 -4.27 -42.49
C LYS A 29 25.51 -5.20 -43.53
N VAL A 30 25.89 -4.66 -44.69
CA VAL A 30 26.33 -5.45 -45.83
C VAL A 30 27.81 -5.21 -46.04
N PHE A 31 28.61 -6.27 -45.90
CA PHE A 31 30.03 -6.16 -46.16
C PHE A 31 30.28 -5.94 -47.63
N ARG A 32 31.17 -5.01 -47.97
CA ARG A 32 31.49 -4.72 -49.35
C ARG A 32 33.00 -4.67 -49.53
N SER A 33 33.47 -5.25 -50.63
CA SER A 33 34.87 -5.25 -51.00
C SER A 33 35.24 -3.90 -51.59
N SER A 34 36.37 -3.82 -52.28
CA SER A 34 36.81 -2.53 -52.79
C SER A 34 35.87 -2.08 -53.92
N VAL A 35 34.85 -1.32 -53.56
CA VAL A 35 33.80 -0.92 -54.49
C VAL A 35 33.25 0.44 -54.05
N LEU A 36 32.91 1.27 -55.03
CA LEU A 36 32.38 2.61 -54.78
C LEU A 36 30.85 2.51 -54.83
N HIS A 37 30.23 2.36 -53.67
CA HIS A 37 28.79 2.16 -53.59
C HIS A 37 28.10 3.48 -53.29
N SER A 38 27.06 3.78 -54.06
CA SER A 38 26.32 5.03 -53.91
C SER A 38 25.10 4.81 -53.02
N THR A 39 25.12 5.37 -51.83
CA THR A 39 24.04 5.22 -50.87
C THR A 39 23.21 6.50 -50.82
N GLN A 40 21.91 6.34 -50.60
CA GLN A 40 20.97 7.45 -50.49
C GLN A 40 20.20 7.31 -49.17
N ASP A 41 20.74 7.91 -48.11
CA ASP A 41 20.14 7.85 -46.78
C ASP A 41 20.26 9.23 -46.15
N LEU A 42 19.85 9.36 -44.89
CA LEU A 42 19.99 10.61 -44.17
C LEU A 42 21.45 10.81 -43.75
N PHE A 43 22.01 11.95 -44.12
CA PHE A 43 23.41 12.23 -43.87
C PHE A 43 23.57 13.68 -43.45
N LEU A 44 24.68 13.96 -42.77
CA LEU A 44 25.06 15.33 -42.46
C LEU A 44 25.89 15.86 -43.62
N PRO A 45 25.40 16.84 -44.37
CA PRO A 45 26.12 17.29 -45.57
C PRO A 45 27.51 17.80 -45.25
N PHE A 46 28.43 17.60 -46.19
CA PHE A 46 29.80 18.04 -46.00
C PHE A 46 29.87 19.56 -45.92
N PHE A 47 30.81 20.03 -45.11
CA PHE A 47 31.07 21.46 -44.93
C PHE A 47 29.80 22.23 -44.59
N SER A 48 29.04 21.70 -43.64
CA SER A 48 27.83 22.35 -43.17
C SER A 48 28.12 23.12 -41.88
N ASN A 49 27.23 24.04 -41.55
CA ASN A 49 27.34 24.83 -40.33
C ASN A 49 26.67 24.05 -39.20
N VAL A 50 27.49 23.54 -38.28
CA VAL A 50 27.02 22.77 -37.14
C VAL A 50 27.15 23.63 -35.90
N THR A 51 26.06 23.76 -35.14
CA THR A 51 26.02 24.69 -34.02
C THR A 51 26.94 24.24 -32.90
N TRP A 52 27.59 25.21 -32.27
CA TRP A 52 28.60 24.99 -31.24
C TRP A 52 28.05 25.41 -29.88
N PHE A 53 28.18 24.52 -28.90
CA PHE A 53 27.80 24.82 -27.52
C PHE A 53 29.04 24.64 -26.66
N HIS A 54 29.57 25.74 -26.12
CA HIS A 54 30.72 25.70 -25.23
C HIS A 54 30.36 26.39 -23.92
N ALA A 55 31.23 26.17 -22.91
CA ALA A 55 30.93 26.59 -21.55
C ALA A 55 30.89 28.10 -21.35
N ILE A 56 31.34 28.87 -22.35
CA ILE A 56 31.44 30.32 -22.23
C ILE A 56 32.38 30.67 -21.07
N ARG A 66 26.85 29.28 -18.18
CA ARG A 66 27.68 28.22 -18.75
C ARG A 66 26.79 27.10 -19.31
N PHE A 67 26.95 26.80 -20.61
CA PHE A 67 26.15 25.78 -21.26
C PHE A 67 24.65 26.01 -21.15
N ASP A 68 24.13 27.02 -21.89
CA ASP A 68 22.68 27.20 -22.00
C ASP A 68 21.93 25.87 -22.04
N ASN A 69 22.40 24.92 -22.83
CA ASN A 69 21.88 23.56 -22.86
C ASN A 69 20.38 23.54 -23.10
N PRO A 70 19.91 23.98 -24.27
CA PRO A 70 18.48 24.05 -24.52
C PRO A 70 17.94 22.78 -25.15
N VAL A 71 16.62 22.69 -25.18
CA VAL A 71 15.97 21.65 -25.95
C VAL A 71 16.14 21.97 -27.43
N LEU A 72 16.63 21.01 -28.19
CA LEU A 72 16.93 21.23 -29.59
C LEU A 72 15.99 20.40 -30.47
N PRO A 73 15.68 20.88 -31.67
CA PRO A 73 14.84 20.08 -32.58
C PRO A 73 15.56 18.81 -33.03
N PHE A 74 14.83 17.70 -33.02
CA PHE A 74 15.31 16.44 -33.58
C PHE A 74 14.59 16.24 -34.91
N ASN A 75 15.11 16.90 -35.95
CA ASN A 75 14.39 16.98 -37.21
C ASN A 75 14.19 15.62 -37.86
N ASP A 76 15.28 15.01 -38.32
CA ASP A 76 15.25 13.69 -38.90
C ASP A 76 16.27 12.77 -38.27
N GLY A 77 17.06 13.28 -37.34
CA GLY A 77 18.21 12.57 -36.81
C GLY A 77 19.34 13.56 -36.65
N VAL A 78 20.11 13.45 -35.58
CA VAL A 78 21.11 14.45 -35.27
C VAL A 78 22.48 13.80 -35.25
N TYR A 79 23.49 14.61 -35.45
CA TYR A 79 24.88 14.24 -35.27
C TYR A 79 25.39 14.94 -34.02
N PHE A 80 25.94 14.18 -33.08
CA PHE A 80 26.40 14.72 -31.81
C PHE A 80 27.88 14.47 -31.67
N ALA A 81 28.64 15.54 -31.45
CA ALA A 81 30.07 15.44 -31.17
C ALA A 81 30.37 16.17 -29.88
N SER A 82 31.41 15.72 -29.18
CA SER A 82 31.84 16.38 -27.95
C SER A 82 33.35 16.26 -27.82
N THR A 83 33.97 17.31 -27.30
CA THR A 83 35.42 17.30 -27.06
C THR A 83 35.74 16.70 -25.70
N GLU A 84 35.26 17.33 -24.62
CA GLU A 84 34.95 16.67 -23.36
C GLU A 84 36.11 15.78 -22.87
N LYS A 85 37.22 16.42 -22.53
CA LYS A 85 38.35 15.66 -22.01
C LYS A 85 38.08 15.06 -20.63
N SER A 86 37.04 15.51 -19.94
CA SER A 86 36.57 14.91 -18.71
C SER A 86 35.10 14.55 -18.87
N ASN A 87 34.66 13.50 -18.19
CA ASN A 87 33.35 12.89 -18.45
C ASN A 87 32.26 13.83 -17.94
N ILE A 88 31.89 14.78 -18.80
CA ILE A 88 30.94 15.81 -18.44
C ILE A 88 29.67 15.74 -19.28
N ILE A 89 29.78 15.25 -20.51
CA ILE A 89 28.60 14.88 -21.27
C ILE A 89 28.17 13.50 -20.79
N ARG A 90 26.92 13.40 -20.35
CA ARG A 90 26.47 12.21 -19.65
C ARG A 90 25.27 11.52 -20.28
N GLY A 91 24.65 12.11 -21.29
CA GLY A 91 23.50 11.48 -21.90
C GLY A 91 22.60 12.48 -22.58
N TRP A 92 21.41 12.00 -22.93
CA TRP A 92 20.45 12.79 -23.68
C TRP A 92 19.05 12.33 -23.29
N ILE A 93 18.07 13.21 -23.52
CA ILE A 93 16.71 12.97 -23.05
C ILE A 93 15.68 13.04 -24.18
N PHE A 94 16.01 12.52 -25.36
CA PHE A 94 15.12 12.55 -26.53
C PHE A 94 13.67 12.31 -26.16
N GLY A 95 12.77 13.09 -26.75
CA GLY A 95 11.36 12.93 -26.54
C GLY A 95 10.57 13.96 -27.31
N THR A 96 9.25 13.89 -27.15
CA THR A 96 8.33 14.80 -27.86
C THR A 96 8.01 16.02 -27.00
N THR A 97 7.41 15.81 -25.84
CA THR A 97 6.99 16.88 -24.96
C THR A 97 7.92 17.05 -23.77
N LEU A 98 8.75 16.04 -23.47
CA LEU A 98 9.66 16.06 -22.32
C LEU A 98 8.89 16.38 -21.04
N ASP A 99 7.73 15.76 -20.90
CA ASP A 99 6.80 16.03 -19.82
C ASP A 99 6.02 14.75 -19.56
N SER A 100 5.15 14.80 -18.56
CA SER A 100 4.29 13.66 -18.33
C SER A 100 3.30 13.49 -19.49
N LYS A 101 2.58 12.37 -19.45
CA LYS A 101 1.53 12.01 -20.42
C LYS A 101 2.11 11.62 -21.77
N THR A 102 3.42 11.78 -21.95
CA THR A 102 4.09 11.35 -23.17
C THR A 102 5.40 10.68 -22.79
N GLN A 103 5.62 9.47 -23.32
CA GLN A 103 6.85 8.75 -23.03
C GLN A 103 8.05 9.46 -23.64
N SER A 104 9.15 9.49 -22.90
CA SER A 104 10.39 10.07 -23.37
C SER A 104 11.51 9.07 -23.14
N LEU A 105 12.61 9.27 -23.86
CA LEU A 105 13.76 8.38 -23.80
C LEU A 105 14.89 9.05 -23.03
N LEU A 106 15.50 8.31 -22.10
CA LEU A 106 16.59 8.81 -21.29
C LEU A 106 17.77 7.85 -21.40
N ILE A 107 18.92 8.38 -21.81
CA ILE A 107 20.15 7.62 -21.91
C ILE A 107 21.14 8.26 -20.94
N VAL A 108 21.56 7.51 -19.93
CA VAL A 108 22.56 7.99 -18.97
C VAL A 108 23.58 6.88 -18.74
N ASN A 109 24.86 7.25 -18.78
CA ASN A 109 25.95 6.35 -18.44
C ASN A 109 26.75 6.90 -17.27
N ASN A 110 27.09 6.04 -16.31
CA ASN A 110 27.76 6.57 -15.13
C ASN A 110 29.27 6.67 -15.27
N ALA A 111 29.98 5.54 -15.14
CA ALA A 111 31.40 5.47 -15.46
C ALA A 111 31.75 4.10 -16.00
N THR A 112 30.87 3.13 -15.75
CA THR A 112 31.13 1.74 -16.08
C THR A 112 29.89 1.05 -16.62
N ASN A 113 28.83 1.79 -16.92
CA ASN A 113 27.55 1.21 -17.25
C ASN A 113 26.65 2.30 -17.81
N VAL A 114 25.83 1.95 -18.80
CA VAL A 114 24.89 2.88 -19.43
C VAL A 114 23.48 2.37 -19.21
N VAL A 115 22.59 3.26 -18.81
CA VAL A 115 21.19 2.93 -18.54
C VAL A 115 20.34 3.65 -19.56
N ILE A 116 19.44 2.92 -20.20
CA ILE A 116 18.50 3.47 -21.17
C ILE A 116 17.09 3.17 -20.66
N LYS A 117 16.22 4.16 -20.75
CA LYS A 117 14.89 4.05 -20.15
C LYS A 117 13.90 4.82 -21.02
N VAL A 118 12.70 4.28 -21.16
CA VAL A 118 11.63 4.93 -21.89
C VAL A 118 10.45 5.03 -20.94
N CYS A 119 10.39 6.10 -20.17
CA CYS A 119 9.32 6.33 -19.22
C CYS A 119 8.58 7.62 -19.56
N GLU A 120 7.50 7.88 -18.83
CA GLU A 120 6.81 9.17 -18.90
C GLU A 120 7.47 10.13 -17.93
N PHE A 121 8.69 10.51 -18.28
CA PHE A 121 9.49 11.37 -17.41
C PHE A 121 8.88 12.77 -17.32
N GLN A 122 9.18 13.42 -16.20
CA GLN A 122 8.66 14.75 -15.89
C GLN A 122 9.88 15.66 -15.82
N PHE A 123 10.71 15.59 -16.85
CA PHE A 123 12.02 16.23 -16.91
C PHE A 123 12.03 17.65 -16.38
N CYS A 124 13.11 18.01 -15.71
CA CYS A 124 13.30 19.36 -15.23
C CYS A 124 13.48 20.31 -16.41
N ASN A 125 13.43 21.61 -16.15
CA ASN A 125 13.71 22.57 -17.22
C ASN A 125 15.19 22.62 -17.54
N ASP A 126 16.05 22.35 -16.55
CA ASP A 126 17.50 22.32 -16.73
C ASP A 126 18.03 21.01 -16.17
N PRO A 127 17.80 19.89 -16.87
CA PRO A 127 18.22 18.59 -16.34
C PRO A 127 19.72 18.40 -16.44
N PHE A 128 20.31 17.91 -15.36
CA PHE A 128 21.75 17.68 -15.30
C PHE A 128 22.02 16.73 -14.14
N LEU A 129 23.28 16.36 -14.00
CA LEU A 129 23.72 15.43 -12.95
C LEU A 129 24.74 16.14 -12.07
N GLY A 130 24.49 16.16 -10.76
CA GLY A 130 25.50 16.63 -9.84
C GLY A 130 26.62 15.64 -9.66
N VAL A 131 27.83 16.15 -9.44
CA VAL A 131 29.03 15.31 -9.35
C VAL A 131 29.79 15.69 -8.08
N TYR A 132 30.10 14.69 -7.26
CA TYR A 132 30.81 14.89 -6.01
C TYR A 132 31.82 13.79 -5.80
N TYR A 133 33.00 14.16 -5.31
CA TYR A 133 34.05 13.22 -4.97
C TYR A 133 34.23 13.22 -3.46
N HIS A 134 33.94 12.09 -2.82
CA HIS A 134 34.16 11.99 -1.38
C HIS A 134 35.65 11.94 -1.08
N LYS A 135 36.05 12.58 0.02
CA LYS A 135 37.46 12.65 0.37
C LYS A 135 38.04 11.30 0.76
N ASN A 136 37.22 10.35 1.22
CA ASN A 136 37.74 9.05 1.60
C ASN A 136 38.32 8.31 0.40
N ASN A 137 37.63 8.34 -0.73
CA ASN A 137 38.10 7.74 -1.97
C ASN A 137 37.83 8.77 -3.06
N LYS A 138 38.88 9.49 -3.47
CA LYS A 138 38.70 10.65 -4.33
C LYS A 138 38.07 10.27 -5.66
N SER A 139 38.52 9.15 -6.26
CA SER A 139 37.93 8.70 -7.51
C SER A 139 36.57 8.07 -7.25
N TRP A 140 35.58 8.90 -6.90
CA TRP A 140 34.25 8.44 -6.52
C TRP A 140 33.18 8.83 -7.53
N MET A 141 33.07 10.12 -7.85
CA MET A 141 32.03 10.65 -8.73
C MET A 141 30.65 10.15 -8.30
N GLU A 142 30.26 10.57 -7.10
CA GLU A 142 28.92 10.27 -6.61
C GLU A 142 27.93 11.14 -7.37
N SER A 143 27.22 10.54 -8.34
CA SER A 143 26.35 11.27 -9.24
C SER A 143 24.96 11.39 -8.64
N GLU A 144 24.45 12.62 -8.57
CA GLU A 144 23.09 12.88 -8.12
C GLU A 144 22.26 13.30 -9.32
N PHE A 145 21.05 12.76 -9.41
CA PHE A 145 20.18 13.05 -10.54
C PHE A 145 19.35 14.30 -10.27
N ARG A 146 19.42 15.26 -11.17
CA ARG A 146 18.52 16.41 -11.21
C ARG A 146 17.88 16.51 -12.59
N VAL A 147 17.41 15.37 -13.10
CA VAL A 147 16.92 15.29 -14.47
C VAL A 147 15.40 15.32 -14.49
N TYR A 148 14.77 14.40 -13.78
CA TYR A 148 13.31 14.32 -13.69
C TYR A 148 12.88 14.39 -12.23
N SER A 149 11.64 14.78 -12.02
CA SER A 149 11.03 14.77 -10.70
C SER A 149 10.12 13.58 -10.48
N SER A 150 9.46 13.10 -11.54
CA SER A 150 8.66 11.88 -11.49
C SER A 150 8.98 11.06 -12.72
N ALA A 151 9.08 9.74 -12.54
CA ALA A 151 9.43 8.85 -13.65
C ALA A 151 8.81 7.48 -13.34
N ASN A 152 7.70 7.18 -13.99
CA ASN A 152 6.93 6.00 -13.64
C ASN A 152 6.14 5.54 -14.87
N ASN A 153 5.62 4.32 -14.77
CA ASN A 153 4.82 3.69 -15.83
C ASN A 153 5.63 3.60 -17.13
N CYS A 154 6.67 2.77 -17.08
CA CYS A 154 7.50 2.60 -18.26
C CYS A 154 7.85 1.16 -18.58
N THR A 155 8.24 0.96 -19.83
CA THR A 155 8.18 -0.32 -20.53
C THR A 155 9.53 -0.84 -20.98
N PHE A 156 10.49 0.02 -21.27
CA PHE A 156 11.77 -0.38 -21.84
C PHE A 156 12.88 0.02 -20.88
N GLU A 157 13.82 -0.89 -20.65
CA GLU A 157 14.94 -0.63 -19.75
C GLU A 157 16.08 -1.54 -20.18
N TYR A 158 17.12 -0.95 -20.77
CA TYR A 158 18.23 -1.69 -21.33
C TYR A 158 19.51 -1.24 -20.64
N VAL A 159 20.37 -2.20 -20.30
CA VAL A 159 21.61 -1.95 -19.58
C VAL A 159 22.75 -2.60 -20.34
N SER A 160 23.83 -1.84 -20.55
CA SER A 160 25.01 -2.36 -21.21
C SER A 160 26.23 -1.63 -20.68
N GLN A 161 27.36 -1.82 -21.34
CA GLN A 161 28.59 -1.12 -21.00
C GLN A 161 28.54 0.31 -21.55
N PRO A 162 29.23 1.25 -20.89
CA PRO A 162 29.01 2.67 -21.19
C PRO A 162 29.33 3.02 -22.63
N PHE A 163 28.53 3.95 -23.17
CA PHE A 163 28.83 4.50 -24.48
C PHE A 163 30.16 5.25 -24.46
N LEU A 164 30.41 6.02 -23.40
CA LEU A 164 31.57 6.88 -23.32
C LEU A 164 32.56 6.39 -22.26
N LYS A 175 41.80 14.84 -27.27
CA LYS A 175 41.03 15.17 -26.08
C LYS A 175 39.85 14.21 -25.92
N ASN A 176 39.93 13.06 -26.60
CA ASN A 176 38.84 12.08 -26.62
C ASN A 176 37.56 12.71 -27.19
N LEU A 177 37.62 13.04 -28.48
CA LEU A 177 36.41 13.41 -29.21
C LEU A 177 35.50 12.20 -29.38
N ARG A 178 34.21 12.40 -29.18
CA ARG A 178 33.22 11.34 -29.38
C ARG A 178 32.14 11.84 -30.32
N GLU A 179 31.69 10.95 -31.20
CA GLU A 179 30.74 11.31 -32.24
C GLU A 179 29.54 10.38 -32.17
N PHE A 180 28.35 10.91 -32.41
CA PHE A 180 27.13 10.12 -32.34
C PHE A 180 26.21 10.49 -33.49
N VAL A 181 25.44 9.51 -33.94
CA VAL A 181 24.37 9.74 -34.90
C VAL A 181 23.15 9.02 -34.36
N PHE A 182 22.16 9.78 -33.92
CA PHE A 182 20.88 9.23 -33.51
C PHE A 182 19.88 9.42 -34.65
N LYS A 183 19.07 8.39 -34.91
CA LYS A 183 17.98 8.51 -35.85
C LYS A 183 16.85 7.60 -35.41
N ASN A 184 15.62 8.03 -35.67
CA ASN A 184 14.42 7.33 -35.23
C ASN A 184 13.64 6.91 -36.48
N ILE A 185 13.91 5.71 -36.95
CA ILE A 185 13.29 5.16 -38.15
C ILE A 185 12.40 4.00 -37.75
N ASP A 186 11.18 3.98 -38.31
CA ASP A 186 10.17 2.91 -38.19
C ASP A 186 10.21 2.19 -36.84
N GLY A 187 10.12 2.95 -35.75
CA GLY A 187 10.03 2.38 -34.43
C GLY A 187 11.34 2.03 -33.77
N TYR A 188 12.46 2.17 -34.47
CA TYR A 188 13.77 1.87 -33.92
C TYR A 188 14.53 3.16 -33.63
N PHE A 189 15.21 3.20 -32.49
CA PHE A 189 16.15 4.27 -32.20
C PHE A 189 17.55 3.72 -32.48
N LYS A 190 18.20 4.28 -33.48
CA LYS A 190 19.48 3.78 -33.95
C LYS A 190 20.57 4.73 -33.52
N ILE A 191 21.63 4.20 -32.92
CA ILE A 191 22.76 4.98 -32.45
C ILE A 191 24.01 4.50 -33.16
N TYR A 192 24.71 5.41 -33.80
CA TYR A 192 26.01 5.16 -34.41
C TYR A 192 27.04 6.00 -33.67
N SER A 193 28.15 5.38 -33.27
CA SER A 193 29.12 6.10 -32.47
C SER A 193 30.53 5.82 -32.96
N LYS A 194 31.42 6.75 -32.65
CA LYS A 194 32.84 6.63 -33.01
C LYS A 194 33.62 7.53 -32.07
N HIS A 195 34.50 6.94 -31.26
CA HIS A 195 35.24 7.67 -30.24
C HIS A 195 36.68 7.80 -30.70
N THR A 196 37.22 9.03 -30.63
CA THR A 196 38.52 9.30 -31.21
C THR A 196 39.38 10.19 -30.31
N PRO A 197 40.63 9.81 -30.04
CA PRO A 197 41.56 10.75 -29.40
C PRO A 197 42.04 11.79 -30.41
N ILE A 198 41.94 13.06 -30.03
CA ILE A 198 42.10 14.18 -30.95
C ILE A 198 43.12 15.16 -30.39
N ASN A 199 43.96 15.70 -31.28
CA ASN A 199 44.97 16.68 -30.94
C ASN A 199 44.63 18.09 -31.42
N LEU A 200 43.74 18.23 -32.41
CA LEU A 200 43.46 19.53 -32.98
C LEU A 200 42.91 20.49 -31.92
N VAL A 201 43.07 21.79 -32.18
CA VAL A 201 43.02 22.78 -31.11
C VAL A 201 41.62 22.88 -30.52
N ARG A 202 40.63 23.28 -31.31
CA ARG A 202 39.34 23.57 -30.70
C ARG A 202 38.15 22.88 -31.36
N ASP A 203 38.15 22.78 -32.68
CA ASP A 203 36.97 22.41 -33.44
C ASP A 203 37.05 20.96 -33.89
N LEU A 204 36.12 20.56 -34.76
CA LEU A 204 36.14 19.23 -35.33
C LEU A 204 37.38 19.05 -36.19
N PRO A 205 37.97 17.86 -36.17
CA PRO A 205 39.14 17.59 -37.02
C PRO A 205 38.80 17.45 -38.48
N GLN A 206 39.79 17.11 -39.30
CA GLN A 206 39.59 16.97 -40.74
C GLN A 206 39.64 15.52 -41.22
N GLY A 207 40.32 14.64 -40.50
CA GLY A 207 40.43 13.25 -40.93
C GLY A 207 39.10 12.54 -41.03
N PHE A 208 38.87 11.87 -42.16
CA PHE A 208 37.64 11.12 -42.36
C PHE A 208 37.57 9.95 -41.39
N SER A 209 36.44 9.83 -40.69
CA SER A 209 36.16 8.70 -39.82
C SER A 209 34.73 8.27 -40.06
N ALA A 210 34.49 6.96 -40.05
CA ALA A 210 33.17 6.39 -40.33
C ALA A 210 32.58 5.85 -39.04
N LEU A 211 31.43 6.41 -38.65
CA LEU A 211 30.72 5.93 -37.47
C LEU A 211 30.12 4.56 -37.75
N GLU A 212 30.05 3.73 -36.71
CA GLU A 212 29.53 2.38 -36.85
C GLU A 212 28.52 2.09 -35.74
N PRO A 213 27.57 1.20 -36.00
CA PRO A 213 26.40 1.08 -35.11
C PRO A 213 26.75 0.55 -33.73
N LEU A 214 26.10 1.14 -32.71
CA LEU A 214 26.13 0.61 -31.35
C LEU A 214 24.95 -0.31 -31.08
N VAL A 215 23.73 0.24 -31.15
CA VAL A 215 22.52 -0.45 -30.70
C VAL A 215 21.37 -0.04 -31.59
N ASP A 216 20.30 -0.84 -31.55
CA ASP A 216 19.06 -0.55 -32.28
C ASP A 216 17.90 -0.87 -31.33
N LEU A 217 17.45 0.14 -30.60
CA LEU A 217 16.50 -0.07 -29.52
C LEU A 217 15.09 -0.03 -30.05
N PRO A 218 14.28 -1.06 -29.83
CA PRO A 218 12.88 -1.00 -30.29
C PRO A 218 12.03 -0.07 -29.46
N ILE A 219 12.43 1.20 -29.40
CA ILE A 219 11.72 2.17 -28.56
C ILE A 219 10.32 2.40 -29.07
N GLY A 220 10.18 2.69 -30.37
CA GLY A 220 8.88 2.85 -30.97
C GLY A 220 8.13 4.11 -30.58
N ILE A 221 8.82 5.14 -30.11
CA ILE A 221 8.17 6.38 -29.69
C ILE A 221 8.45 7.47 -30.71
N ASN A 222 7.70 8.57 -30.61
CA ASN A 222 7.90 9.73 -31.45
C ASN A 222 8.90 10.68 -30.79
N ILE A 223 9.92 11.06 -31.54
CA ILE A 223 10.96 11.97 -31.04
C ILE A 223 10.97 13.19 -31.93
N THR A 224 10.81 14.36 -31.31
CA THR A 224 10.89 15.63 -32.01
C THR A 224 11.87 16.60 -31.38
N ARG A 225 12.29 16.38 -30.14
CA ARG A 225 13.16 17.29 -29.41
C ARG A 225 14.15 16.46 -28.61
N PHE A 226 15.30 17.05 -28.32
CA PHE A 226 16.28 16.37 -27.49
C PHE A 226 17.12 17.41 -26.76
N GLN A 227 17.75 16.96 -25.67
CA GLN A 227 18.55 17.82 -24.81
C GLN A 227 19.66 16.98 -24.20
N THR A 228 20.84 17.56 -24.07
CA THR A 228 21.98 16.83 -23.54
C THR A 228 22.06 16.98 -22.02
N LEU A 229 22.63 15.97 -21.37
CA LEU A 229 22.68 15.90 -19.91
C LEU A 229 24.11 16.14 -19.45
N LEU A 230 24.31 17.25 -18.75
CA LEU A 230 25.64 17.63 -18.32
C LEU A 230 25.90 17.21 -16.88
N ALA A 231 27.17 17.30 -16.48
CA ALA A 231 27.62 16.98 -15.14
C ALA A 231 28.28 18.22 -14.54
N LEU A 232 27.65 18.79 -13.52
CA LEU A 232 28.11 20.04 -12.93
C LEU A 232 28.65 19.82 -11.53
N HIS A 233 29.71 20.55 -11.19
CA HIS A 233 30.24 20.58 -9.84
C HIS A 233 29.62 21.73 -9.06
N ARG A 234 29.61 21.59 -7.74
CA ARG A 234 29.12 22.63 -6.84
C ARG A 234 30.33 23.34 -6.26
N SER A 235 30.59 24.57 -6.71
CA SER A 235 31.80 25.26 -6.30
C SER A 235 31.62 26.02 -4.99
N TYR A 236 30.40 26.48 -4.71
CA TYR A 236 30.09 27.13 -3.44
C TYR A 236 28.59 27.01 -3.20
N LEU A 237 28.16 27.45 -2.02
CA LEU A 237 26.76 27.32 -1.61
C LEU A 237 26.34 28.63 -0.95
N THR A 238 25.44 29.36 -1.60
CA THR A 238 24.79 30.37 -0.78
C THR A 238 23.58 29.74 -0.11
N PRO A 239 23.21 30.19 1.10
CA PRO A 239 22.23 29.44 1.90
C PRO A 239 20.95 29.06 1.17
N GLY A 240 20.13 30.02 0.74
CA GLY A 240 19.06 29.65 -0.17
C GLY A 240 19.20 30.21 -1.57
N ASP A 241 19.77 29.45 -2.49
CA ASP A 241 19.66 29.78 -3.91
C ASP A 241 19.40 28.54 -4.73
N SER A 242 20.09 27.45 -4.37
CA SER A 242 20.10 26.16 -5.06
C SER A 242 20.75 26.29 -6.44
N SER A 243 21.02 27.51 -6.87
CA SER A 243 21.62 27.81 -8.16
C SER A 243 22.90 28.60 -7.98
N SER A 244 23.68 28.24 -6.97
CA SER A 244 24.75 29.10 -6.49
C SER A 244 26.06 28.86 -7.24
N GLY A 245 26.58 27.65 -7.17
CA GLY A 245 27.93 27.39 -7.63
C GLY A 245 28.07 26.23 -8.58
N TRP A 246 27.09 26.07 -9.47
CA TRP A 246 27.06 24.95 -10.40
C TRP A 246 28.02 25.25 -11.56
N THR A 247 29.31 25.02 -11.32
CA THR A 247 30.29 25.14 -12.38
C THR A 247 30.15 23.98 -13.36
N ALA A 248 30.44 24.25 -14.62
CA ALA A 248 30.18 23.32 -15.71
C ALA A 248 31.46 22.88 -16.41
N GLY A 249 32.55 22.79 -15.65
CA GLY A 249 33.79 22.25 -16.19
C GLY A 249 34.27 23.00 -17.41
N ALA A 250 34.70 22.24 -18.42
CA ALA A 250 35.16 22.81 -19.68
C ALA A 250 35.01 21.75 -20.76
N ALA A 251 34.11 22.00 -21.70
CA ALA A 251 33.85 21.06 -22.79
C ALA A 251 33.21 21.80 -23.94
N ALA A 252 32.78 21.04 -24.95
CA ALA A 252 32.08 21.60 -26.09
C ALA A 252 31.38 20.47 -26.80
N TYR A 253 30.13 20.67 -27.19
CA TYR A 253 29.39 19.66 -27.94
C TYR A 253 28.68 20.31 -29.11
N TYR A 254 28.63 19.58 -30.23
CA TYR A 254 28.13 20.09 -31.49
C TYR A 254 26.95 19.25 -31.95
N VAL A 255 25.88 19.91 -32.38
CA VAL A 255 24.68 19.23 -32.87
C VAL A 255 24.51 19.55 -34.34
N GLY A 256 24.67 18.55 -35.20
CA GLY A 256 24.34 18.67 -36.60
C GLY A 256 23.03 17.97 -36.90
N TYR A 257 22.51 18.23 -38.10
CA TYR A 257 21.24 17.67 -38.53
C TYR A 257 21.43 16.86 -39.80
N LEU A 258 20.83 15.68 -39.83
CA LEU A 258 20.96 14.77 -40.96
C LEU A 258 19.95 15.11 -42.03
N GLN A 259 20.41 15.25 -43.26
CA GLN A 259 19.54 15.49 -44.39
C GLN A 259 19.65 14.33 -45.37
N PRO A 260 18.54 13.98 -46.05
CA PRO A 260 18.59 12.89 -47.02
C PRO A 260 19.40 13.27 -48.26
N ARG A 261 20.56 12.65 -48.43
CA ARG A 261 21.45 12.95 -49.54
C ARG A 261 22.01 11.65 -50.11
N THR A 262 22.73 11.79 -51.23
CA THR A 262 23.35 10.66 -51.92
C THR A 262 24.86 10.79 -51.80
N PHE A 263 25.48 9.83 -51.11
CA PHE A 263 26.93 9.73 -51.01
C PHE A 263 27.45 8.65 -51.94
N LEU A 264 28.79 8.58 -52.05
CA LEU A 264 29.48 7.54 -52.80
C LEU A 264 30.55 7.00 -51.86
N LEU A 265 30.21 5.95 -51.12
CA LEU A 265 31.00 5.50 -49.98
C LEU A 265 32.02 4.47 -50.45
N LYS A 266 33.29 4.87 -50.55
CA LYS A 266 34.34 3.96 -50.96
C LYS A 266 34.66 2.98 -49.85
N TYR A 267 34.50 1.70 -50.12
CA TYR A 267 34.79 0.66 -49.14
C TYR A 267 36.21 0.14 -49.32
N ASN A 268 36.84 -0.21 -48.20
CA ASN A 268 38.19 -0.76 -48.22
C ASN A 268 38.15 -2.22 -48.65
N GLU A 269 39.31 -2.87 -48.60
CA GLU A 269 39.35 -4.32 -48.79
C GLU A 269 38.65 -5.03 -47.64
N ASN A 270 38.83 -4.54 -46.42
CA ASN A 270 38.22 -5.15 -45.25
C ASN A 270 36.79 -4.70 -45.02
N GLY A 271 36.30 -3.73 -45.79
CA GLY A 271 34.94 -3.25 -45.64
C GLY A 271 34.77 -1.98 -44.85
N THR A 272 35.86 -1.29 -44.51
CA THR A 272 35.76 -0.01 -43.84
C THR A 272 35.60 1.11 -44.85
N ILE A 273 34.76 2.09 -44.52
CA ILE A 273 34.51 3.23 -45.40
C ILE A 273 35.64 4.22 -45.26
N THR A 274 36.61 4.17 -46.17
CA THR A 274 37.76 5.06 -46.07
C THR A 274 37.48 6.46 -46.60
N ASP A 275 36.42 6.65 -47.39
CA ASP A 275 36.21 7.92 -48.06
C ASP A 275 34.74 8.06 -48.44
N ALA A 276 34.36 9.26 -48.86
CA ALA A 276 33.01 9.54 -49.30
C ALA A 276 32.99 10.87 -50.05
N VAL A 277 32.02 11.01 -50.96
CA VAL A 277 31.77 12.27 -51.64
C VAL A 277 30.28 12.55 -51.54
N ASP A 278 29.95 13.83 -51.45
CA ASP A 278 28.57 14.25 -51.22
C ASP A 278 27.72 14.11 -52.48
N VAL B 2 14.75 29.80 -0.20
CA VAL B 2 13.44 29.79 0.43
C VAL B 2 13.49 30.37 1.83
N GLN B 3 12.30 30.56 2.40
CA GLN B 3 12.13 30.88 3.80
C GLN B 3 11.10 29.92 4.38
N LEU B 4 11.44 29.26 5.47
CA LEU B 4 10.59 28.24 6.07
C LEU B 4 9.86 28.80 7.28
N VAL B 5 8.60 28.40 7.44
CA VAL B 5 7.78 28.86 8.56
C VAL B 5 7.04 27.67 9.15
N GLU B 6 7.46 27.21 10.33
CA GLU B 6 6.81 26.10 10.98
C GLU B 6 5.47 26.52 11.59
N SER B 7 4.60 25.54 11.76
CA SER B 7 3.33 25.72 12.46
C SER B 7 2.85 24.37 12.95
N GLY B 8 1.85 24.41 13.84
CA GLY B 8 1.19 23.21 14.29
C GLY B 8 1.61 22.70 15.65
N GLY B 9 2.56 23.37 16.32
CA GLY B 9 3.04 22.91 17.60
C GLY B 9 2.26 23.53 18.74
N GLY B 10 1.77 22.68 19.65
CA GLY B 10 0.99 23.15 20.77
C GLY B 10 0.96 22.12 21.88
N LEU B 11 0.22 22.46 22.93
CA LEU B 11 0.10 21.58 24.09
C LEU B 11 -0.68 20.32 23.75
N VAL B 12 -0.17 19.18 24.22
CA VAL B 12 -0.81 17.90 23.97
C VAL B 12 -0.42 16.95 25.10
N LYS B 13 -1.37 16.12 25.53
CA LYS B 13 -1.08 15.17 26.60
C LYS B 13 -0.32 13.97 26.07
N PRO B 14 0.52 13.35 26.90
CA PRO B 14 1.26 12.17 26.44
C PRO B 14 0.34 11.07 25.94
N GLY B 15 0.73 10.43 24.84
CA GLY B 15 -0.12 9.54 24.11
C GLY B 15 -0.90 10.19 22.98
N GLY B 16 -0.97 11.52 22.97
CA GLY B 16 -1.69 12.24 21.94
C GLY B 16 -0.90 12.35 20.66
N SER B 17 -1.44 13.14 19.73
CA SER B 17 -0.86 13.26 18.41
C SER B 17 -0.81 14.72 17.99
N LEU B 18 0.10 15.01 17.06
CA LEU B 18 0.31 16.36 16.56
C LEU B 18 0.82 16.27 15.15
N ARG B 19 0.56 17.30 14.35
CA ARG B 19 1.04 17.37 12.98
C ARG B 19 1.61 18.75 12.72
N LEU B 20 2.93 18.82 12.56
CA LEU B 20 3.58 20.08 12.25
C LEU B 20 3.56 20.33 10.74
N SER B 21 3.84 21.57 10.37
CA SER B 21 3.87 21.97 8.97
C SER B 21 5.03 22.93 8.75
N CYS B 22 5.58 22.91 7.54
CA CYS B 22 6.71 23.77 7.18
C CYS B 22 6.50 24.20 5.73
N ALA B 23 6.02 25.43 5.55
CA ALA B 23 5.72 25.96 4.22
C ALA B 23 6.90 26.78 3.71
N ALA B 24 7.33 26.48 2.49
CA ALA B 24 8.47 27.16 1.90
C ALA B 24 8.02 28.40 1.15
N SER B 25 8.89 29.42 1.19
CA SER B 25 8.54 30.71 0.58
C SER B 25 8.46 30.61 -0.94
N GLU B 26 9.46 30.01 -1.58
CA GLU B 26 9.53 29.89 -3.02
C GLU B 26 9.30 28.45 -3.45
N PHE B 27 9.42 28.21 -4.75
CA PHE B 27 9.26 26.88 -5.33
C PHE B 27 10.58 26.18 -5.58
N THR B 28 11.70 26.79 -5.19
CA THR B 28 12.98 26.09 -5.17
C THR B 28 13.03 25.03 -4.10
N PHE B 29 11.96 24.92 -3.29
CA PHE B 29 11.84 23.90 -2.26
C PHE B 29 11.90 22.49 -2.84
N SER B 30 11.57 22.32 -4.11
CA SER B 30 11.66 21.01 -4.74
C SER B 30 13.08 20.49 -4.81
N SER B 31 14.06 21.38 -4.83
CA SER B 31 15.45 21.01 -5.00
C SER B 31 16.17 20.71 -3.70
N TYR B 32 15.43 20.59 -2.59
CA TYR B 32 16.01 20.51 -1.27
C TYR B 32 15.54 19.25 -0.56
N SER B 33 16.49 18.50 -0.01
CA SER B 33 16.16 17.54 1.03
C SER B 33 15.78 18.28 2.29
N MET B 34 14.78 17.76 3.00
CA MET B 34 14.29 18.42 4.19
C MET B 34 14.68 17.61 5.43
N ASN B 35 14.86 18.30 6.54
CA ASN B 35 15.20 17.68 7.81
C ASN B 35 14.36 18.30 8.91
N TRP B 36 13.92 17.46 9.84
CA TRP B 36 13.33 17.93 11.09
C TRP B 36 14.38 17.82 12.19
N VAL B 37 14.47 18.87 13.00
CA VAL B 37 15.42 18.92 14.11
C VAL B 37 14.68 19.50 15.31
N ARG B 38 14.87 18.89 16.47
CA ARG B 38 14.24 19.36 17.69
C ARG B 38 15.30 19.78 18.69
N GLN B 39 14.88 20.62 19.64
CA GLN B 39 15.77 21.17 20.65
C GLN B 39 15.02 21.17 21.98
N ALA B 40 15.38 20.26 22.87
CA ALA B 40 14.79 20.26 24.19
C ALA B 40 15.06 21.60 24.88
N PRO B 41 14.14 22.09 25.71
CA PRO B 41 14.17 23.52 26.09
C PRO B 41 15.47 23.97 26.73
N GLY B 42 16.31 23.06 27.22
CA GLY B 42 17.58 23.47 27.78
C GLY B 42 18.76 22.72 27.23
N LYS B 43 18.56 21.95 26.17
CA LYS B 43 19.55 21.01 25.66
C LYS B 43 20.00 21.43 24.26
N GLY B 44 20.79 20.57 23.63
CA GLY B 44 21.30 20.83 22.30
C GLY B 44 20.36 20.32 21.22
N LEU B 45 20.77 20.57 19.98
CA LEU B 45 19.97 20.16 18.82
C LEU B 45 19.97 18.64 18.70
N GLU B 46 18.84 18.10 18.28
CA GLU B 46 18.66 16.65 18.16
C GLU B 46 17.95 16.35 16.85
N TRP B 47 18.64 15.66 15.95
CA TRP B 47 18.08 15.32 14.64
C TRP B 47 16.93 14.35 14.80
N VAL B 48 15.82 14.62 14.11
CA VAL B 48 14.61 13.80 14.24
C VAL B 48 14.43 12.92 13.01
N SER B 49 14.33 13.53 11.84
CA SER B 49 14.07 12.79 10.62
C SER B 49 14.53 13.62 9.42
N SER B 50 14.46 13.02 8.23
CA SER B 50 14.82 13.69 6.99
C SER B 50 14.19 12.98 5.81
N ILE B 51 13.81 13.77 4.81
CA ILE B 51 13.20 13.27 3.58
C ILE B 51 13.89 13.93 2.40
N SER B 52 13.95 13.21 1.29
CA SER B 52 14.67 13.69 0.11
C SER B 52 13.75 14.44 -0.84
N SER B 53 14.36 15.06 -1.86
CA SER B 53 13.62 15.92 -2.78
C SER B 53 12.45 15.19 -3.43
N SER B 54 12.65 13.92 -3.76
CA SER B 54 11.58 13.12 -4.35
C SER B 54 10.68 12.49 -3.31
N GLY B 55 11.09 12.46 -2.05
CA GLY B 55 10.31 11.81 -1.01
C GLY B 55 10.48 10.32 -0.94
N SER B 56 11.36 9.74 -1.76
CA SER B 56 11.55 8.30 -1.79
C SER B 56 12.56 7.81 -0.76
N GLN B 57 13.19 8.71 -0.01
CA GLN B 57 14.32 8.37 0.86
C GLN B 57 14.05 8.99 2.23
N ILE B 58 13.59 8.18 3.17
CA ILE B 58 13.15 8.65 4.49
C ILE B 58 13.97 7.95 5.56
N TYR B 59 14.49 8.72 6.50
CA TYR B 59 15.22 8.17 7.64
C TYR B 59 14.77 8.90 8.91
N TYR B 60 14.64 8.16 10.00
CA TYR B 60 14.25 8.71 11.28
C TYR B 60 15.33 8.45 12.32
N ALA B 61 15.21 9.14 13.44
CA ALA B 61 16.02 8.82 14.61
C ALA B 61 15.44 7.59 15.30
N ASP B 62 16.34 6.81 15.91
CA ASP B 62 15.90 5.59 16.58
C ASP B 62 14.92 5.89 17.71
N SER B 63 14.99 7.07 18.28
CA SER B 63 14.09 7.45 19.37
C SER B 63 12.69 7.84 18.90
N VAL B 64 12.47 7.96 17.58
CA VAL B 64 11.16 8.26 17.04
C VAL B 64 10.70 7.25 16.01
N LYS B 65 11.50 6.23 15.73
CA LYS B 65 11.13 5.21 14.76
C LYS B 65 9.82 4.53 15.15
N GLY B 66 8.90 4.44 14.20
CA GLY B 66 7.61 3.84 14.42
C GLY B 66 6.54 4.78 14.94
N ARG B 67 6.90 6.02 15.30
CA ARG B 67 5.93 6.98 15.79
C ARG B 67 5.80 8.20 14.90
N PHE B 68 6.92 8.80 14.49
CA PHE B 68 6.91 9.96 13.63
C PHE B 68 6.91 9.52 12.17
N THR B 69 6.24 10.32 11.33
CA THR B 69 6.16 10.04 9.89
C THR B 69 6.32 11.36 9.16
N ILE B 70 7.45 11.51 8.46
CA ILE B 70 7.73 12.70 7.68
C ILE B 70 7.17 12.52 6.28
N SER B 71 6.77 13.63 5.66
CA SER B 71 6.29 13.61 4.29
C SER B 71 6.45 15.01 3.71
N ARG B 72 6.15 15.13 2.42
CA ARG B 72 6.20 16.43 1.76
C ARG B 72 5.24 16.42 0.59
N ASP B 73 4.99 17.61 0.05
CA ASP B 73 4.23 17.74 -1.20
C ASP B 73 4.81 18.96 -1.91
N ASN B 74 5.66 18.70 -2.90
CA ASN B 74 6.33 19.79 -3.63
C ASN B 74 5.36 20.62 -4.45
N ALA B 75 4.13 20.14 -4.66
CA ALA B 75 3.11 20.96 -5.33
C ALA B 75 2.58 22.05 -4.41
N LYS B 76 2.60 21.80 -3.09
CA LYS B 76 2.21 22.81 -2.11
C LYS B 76 3.40 23.39 -1.37
N LYS B 77 4.62 23.08 -1.82
CA LYS B 77 5.88 23.50 -1.20
C LYS B 77 5.80 23.47 0.33
N SER B 78 5.46 22.29 0.85
CA SER B 78 5.26 22.11 2.28
C SER B 78 5.85 20.80 2.75
N LEU B 79 6.29 20.79 4.00
CA LEU B 79 6.84 19.61 4.66
C LEU B 79 5.99 19.31 5.90
N TYR B 80 5.77 18.02 6.17
CA TYR B 80 4.90 17.61 7.27
C TYR B 80 5.63 16.64 8.18
N LEU B 81 5.24 16.65 9.45
CA LEU B 81 5.66 15.65 10.43
C LEU B 81 4.44 15.21 11.20
N GLN B 82 4.03 13.96 11.02
CA GLN B 82 2.97 13.38 11.84
C GLN B 82 3.63 12.78 13.08
N MET B 83 3.13 13.17 14.25
CA MET B 83 3.79 12.91 15.52
C MET B 83 2.80 12.14 16.38
N ASN B 84 2.91 10.82 16.42
CA ASN B 84 1.99 9.96 17.14
C ASN B 84 2.66 9.40 18.39
N SER B 85 1.83 8.88 19.30
CA SER B 85 2.29 8.23 20.52
C SER B 85 3.25 9.13 21.31
N LEU B 86 2.85 10.39 21.45
CA LEU B 86 3.74 11.40 22.01
C LEU B 86 4.14 11.07 23.44
N ARG B 87 5.43 11.20 23.72
CA ARG B 87 6.01 10.98 25.03
C ARG B 87 6.44 12.32 25.62
N VAL B 88 6.70 12.33 26.93
CA VAL B 88 7.10 13.58 27.57
C VAL B 88 8.47 14.04 27.08
N GLU B 89 9.37 13.11 26.79
CA GLU B 89 10.67 13.48 26.24
C GLU B 89 10.58 14.07 24.83
N ASP B 90 9.39 14.18 24.24
CA ASP B 90 9.22 14.78 22.93
C ASP B 90 9.00 16.28 22.98
N THR B 91 8.86 16.88 24.17
CA THR B 91 8.73 18.32 24.25
C THR B 91 10.04 18.97 23.81
N ALA B 92 9.93 19.96 22.93
CA ALA B 92 11.08 20.60 22.31
C ALA B 92 10.58 21.72 21.41
N VAL B 93 11.52 22.49 20.87
CA VAL B 93 11.28 23.34 19.73
C VAL B 93 11.67 22.56 18.49
N TYR B 94 10.76 22.46 17.53
CA TYR B 94 10.98 21.66 16.33
C TYR B 94 11.32 22.58 15.16
N TYR B 95 12.49 22.37 14.58
CA TYR B 95 12.93 23.12 13.41
C TYR B 95 12.79 22.27 12.15
N CYS B 96 12.45 22.92 11.04
CA CYS B 96 12.54 22.33 9.72
C CYS B 96 13.69 23.00 8.98
N ALA B 97 14.55 22.19 8.38
CA ALA B 97 15.76 22.70 7.72
C ALA B 97 15.92 22.04 6.36
N THR B 98 16.54 22.77 5.44
CA THR B 98 16.81 22.28 4.09
C THR B 98 18.25 21.80 4.02
N ASN B 99 18.46 20.61 3.49
CA ASN B 99 19.81 20.11 3.32
C ASN B 99 20.49 20.77 2.12
N GLY B 100 19.94 20.56 0.93
CA GLY B 100 20.56 21.04 -0.29
C GLY B 100 20.85 19.91 -1.25
N GLY B 101 21.30 18.78 -0.72
CA GLY B 101 21.43 17.58 -1.53
C GLY B 101 20.07 17.02 -1.90
N ALA B 102 20.02 16.34 -3.04
CA ALA B 102 18.77 15.77 -3.51
C ALA B 102 18.49 14.38 -2.94
N HIS B 103 19.52 13.58 -2.70
CA HIS B 103 19.35 12.21 -2.25
C HIS B 103 20.27 11.94 -1.06
N SER B 104 20.02 10.83 -0.37
CA SER B 104 20.76 10.53 0.85
C SER B 104 22.24 10.33 0.57
N SER B 105 22.60 9.90 -0.64
CA SER B 105 24.00 9.78 -0.99
C SER B 105 24.70 11.12 -1.10
N THR B 106 23.94 12.22 -1.08
CA THR B 106 24.50 13.56 -1.20
C THR B 106 24.32 14.39 0.07
N TRP B 107 23.53 13.91 1.04
CA TRP B 107 23.28 14.68 2.25
C TRP B 107 24.56 15.09 2.95
N SER B 108 25.56 14.21 2.99
CA SER B 108 26.80 14.49 3.69
C SER B 108 27.63 15.57 3.04
N PHE B 109 27.30 16.00 1.82
CA PHE B 109 28.08 17.00 1.11
C PHE B 109 27.61 18.42 1.37
N TYR B 110 26.54 18.61 2.14
CA TYR B 110 26.00 19.92 2.43
C TYR B 110 25.72 20.06 3.90
N GLY B 111 25.33 21.28 4.30
CA GLY B 111 24.84 21.54 5.64
C GLY B 111 23.41 22.05 5.58
N MET B 112 22.76 22.04 6.74
CA MET B 112 21.38 22.52 6.85
C MET B 112 21.42 24.04 6.78
N ASP B 113 21.29 24.55 5.56
CA ASP B 113 21.60 25.94 5.26
C ASP B 113 20.44 26.89 5.52
N VAL B 114 19.19 26.43 5.44
CA VAL B 114 18.03 27.26 5.72
C VAL B 114 17.28 26.64 6.88
N TRP B 115 16.99 27.45 7.89
CA TRP B 115 16.30 27.00 9.10
C TRP B 115 15.08 27.88 9.32
N GLY B 116 13.89 27.29 9.25
CA GLY B 116 12.70 28.01 9.66
C GLY B 116 12.68 28.17 11.16
N GLN B 117 12.24 29.34 11.63
CA GLN B 117 12.06 29.54 13.06
C GLN B 117 11.12 28.48 13.62
N GLY B 118 11.57 27.79 14.65
CA GLY B 118 10.92 26.57 15.07
C GLY B 118 9.55 26.79 15.66
N THR B 119 8.86 25.69 15.93
CA THR B 119 7.56 25.70 16.58
C THR B 119 7.64 24.91 17.86
N THR B 120 7.10 25.45 18.94
CA THR B 120 7.25 24.86 20.26
C THR B 120 6.19 23.79 20.48
N VAL B 121 6.65 22.58 20.79
CA VAL B 121 5.77 21.47 21.09
C VAL B 121 5.94 21.14 22.58
N THR B 122 4.84 21.25 23.32
CA THR B 122 4.80 20.91 24.74
C THR B 122 3.94 19.67 24.91
N VAL B 123 4.48 18.67 25.62
CA VAL B 123 3.80 17.41 25.84
C VAL B 123 3.75 17.20 27.35
N SER B 124 2.61 17.50 27.96
CA SER B 124 2.48 17.50 29.41
C SER B 124 1.09 17.04 29.80
N SER B 125 1.02 16.24 30.86
CA SER B 125 -0.26 15.72 31.34
C SER B 125 -1.15 16.83 31.87
N TYR C 2 25.75 6.42 16.67
CA TYR C 2 26.95 7.25 16.55
C TYR C 2 26.87 8.43 17.52
N GLU C 3 28.02 8.83 18.07
CA GLU C 3 28.08 9.89 19.06
C GLU C 3 29.13 10.93 18.68
N LEU C 4 28.88 12.15 19.11
CA LEU C 4 29.83 13.24 18.96
C LEU C 4 30.03 13.91 20.31
N THR C 5 31.29 14.20 20.64
CA THR C 5 31.67 14.70 21.96
C THR C 5 32.22 16.11 21.82
N GLN C 6 31.63 17.04 22.55
CA GLN C 6 32.06 18.43 22.56
C GLN C 6 32.28 18.88 23.99
N PRO C 7 33.20 19.82 24.22
CA PRO C 7 33.36 20.39 25.57
C PRO C 7 32.21 21.32 25.90
N PRO C 8 31.62 21.17 27.09
CA PRO C 8 30.48 22.01 27.46
C PRO C 8 30.68 23.51 27.24
N SER C 9 31.87 24.04 27.52
CA SER C 9 32.06 25.48 27.44
C SER C 9 33.49 25.82 27.04
N VAL C 10 33.63 26.94 26.34
CA VAL C 10 34.92 27.57 26.10
C VAL C 10 34.73 29.07 26.25
N SER C 11 35.70 29.73 26.89
CA SER C 11 35.64 31.16 27.13
C SER C 11 36.92 31.82 26.64
N VAL C 12 36.78 32.86 25.84
CA VAL C 12 37.91 33.60 25.30
C VAL C 12 37.60 35.09 25.36
N SER C 13 38.62 35.89 25.64
CA SER C 13 38.46 37.33 25.66
C SER C 13 38.24 37.87 24.24
N PRO C 14 37.49 38.96 24.09
CA PRO C 14 37.32 39.55 22.75
C PRO C 14 38.65 39.98 22.17
N GLY C 15 38.81 39.74 20.86
CA GLY C 15 40.07 39.96 20.19
C GLY C 15 40.98 38.76 20.14
N GLN C 16 40.67 37.69 20.87
CA GLN C 16 41.48 36.49 20.89
C GLN C 16 40.94 35.50 19.85
N THR C 17 41.44 34.26 19.88
CA THR C 17 41.03 33.22 18.96
C THR C 17 40.50 32.03 19.74
N ALA C 18 39.33 31.54 19.36
CA ALA C 18 38.71 30.39 20.00
C ALA C 18 39.04 29.12 19.24
N THR C 19 38.71 27.99 19.86
CA THR C 19 38.92 26.68 19.23
C THR C 19 37.90 25.71 19.81
N ILE C 20 36.89 25.37 19.01
CA ILE C 20 35.81 24.49 19.43
C ILE C 20 36.01 23.14 18.75
N THR C 21 36.15 22.09 19.54
CA THR C 21 36.55 20.78 19.04
C THR C 21 35.42 19.78 19.18
N CYS C 22 35.46 18.75 18.34
CA CYS C 22 34.44 17.72 18.24
C CYS C 22 35.12 16.39 17.97
N SER C 23 34.83 15.39 18.80
CA SER C 23 35.48 14.09 18.69
C SER C 23 34.44 12.99 18.46
N GLY C 24 34.80 12.03 17.62
CA GLY C 24 33.94 10.91 17.33
C GLY C 24 34.74 9.78 16.69
N ASP C 25 34.18 8.57 16.78
CA ASP C 25 34.86 7.38 16.29
C ASP C 25 35.01 7.46 14.78
N LYS C 26 36.24 7.69 14.31
CA LYS C 26 36.55 7.92 12.89
C LYS C 26 35.66 9.02 12.32
N LEU C 27 35.67 10.17 12.99
CA LEU C 27 34.96 11.33 12.49
C LEU C 27 35.70 11.99 11.32
N GLY C 28 36.99 11.73 11.17
CA GLY C 28 37.74 12.28 10.07
C GLY C 28 37.50 11.63 8.72
N ASP C 29 36.77 10.51 8.71
CA ASP C 29 36.36 9.86 7.47
C ASP C 29 35.00 10.34 6.99
N LYS C 30 34.42 11.33 7.67
CA LYS C 30 33.14 11.90 7.31
C LYS C 30 33.26 13.41 7.22
N TYR C 31 32.21 14.04 6.71
CA TYR C 31 32.15 15.49 6.65
C TYR C 31 31.42 16.01 7.89
N ALA C 32 31.93 17.11 8.45
CA ALA C 32 31.38 17.68 9.67
C ALA C 32 30.93 19.10 9.41
N CYS C 33 29.63 19.34 9.61
CA CYS C 33 29.07 20.69 9.55
C CYS C 33 29.13 21.35 10.91
N TRP C 34 29.07 22.67 10.91
CA TRP C 34 29.08 23.46 12.13
C TRP C 34 27.97 24.49 12.09
N TYR C 35 27.28 24.66 13.21
CA TYR C 35 26.17 25.58 13.31
C TYR C 35 26.40 26.55 14.46
N GLN C 36 25.95 27.78 14.28
CA GLN C 36 26.02 28.82 15.31
C GLN C 36 24.60 29.16 15.72
N GLN C 37 24.30 29.05 17.00
CA GLN C 37 22.99 29.37 17.54
C GLN C 37 23.13 30.43 18.60
N ARG C 38 22.65 31.64 18.32
CA ARG C 38 22.61 32.68 19.32
C ARG C 38 21.48 32.39 20.31
N PRO C 39 21.54 32.99 21.51
CA PRO C 39 20.51 32.69 22.52
C PRO C 39 19.10 32.97 22.03
N GLY C 40 18.28 31.91 21.94
CA GLY C 40 16.90 32.06 21.53
C GLY C 40 16.69 32.39 20.08
N GLN C 41 17.59 31.98 19.20
CA GLN C 41 17.45 32.16 17.76
C GLN C 41 17.63 30.83 17.05
N SER C 42 17.29 30.81 15.77
CA SER C 42 17.47 29.63 14.96
C SER C 42 18.95 29.47 14.57
N PRO C 43 19.42 28.25 14.41
CA PRO C 43 20.84 28.04 14.08
C PRO C 43 21.18 28.53 12.68
N VAL C 44 22.45 28.85 12.48
CA VAL C 44 22.98 29.29 11.20
C VAL C 44 24.19 28.43 10.87
N LEU C 45 24.16 27.79 9.70
CA LEU C 45 25.31 27.02 9.24
C LEU C 45 26.48 27.96 8.98
N VAL C 46 27.66 27.59 9.49
CA VAL C 46 28.85 28.40 9.28
C VAL C 46 30.01 27.62 8.66
N ILE C 47 30.05 26.30 8.77
CA ILE C 47 31.11 25.50 8.16
C ILE C 47 30.50 24.20 7.70
N TYR C 48 30.71 23.85 6.43
CA TYR C 48 30.29 22.57 5.89
C TYR C 48 31.42 21.99 5.06
N GLN C 49 31.36 20.67 4.86
CA GLN C 49 32.40 19.92 4.15
C GLN C 49 33.76 20.10 4.80
N ASP C 50 33.74 20.40 6.10
CA ASP C 50 34.89 20.42 7.00
C ASP C 50 35.79 21.63 6.80
N SER C 51 35.62 22.36 5.69
CA SER C 51 36.39 23.58 5.49
C SER C 51 35.60 24.73 4.88
N LYS C 52 34.53 24.48 4.14
CA LYS C 52 33.94 25.48 3.27
C LYS C 52 32.88 26.27 4.00
N ARG C 53 32.90 27.55 3.80
CA ARG C 53 31.87 28.37 4.40
C ARG C 53 30.77 28.67 3.39
N PRO C 54 29.53 28.81 3.85
CA PRO C 54 28.50 29.37 2.97
C PRO C 54 28.81 30.82 2.66
N SER C 55 28.23 31.31 1.58
CA SER C 55 28.41 32.72 1.23
C SER C 55 27.79 33.60 2.30
N GLY C 56 28.53 34.64 2.70
CA GLY C 56 28.11 35.53 3.77
C GLY C 56 28.70 35.23 5.12
N ILE C 57 29.49 34.16 5.24
CA ILE C 57 30.10 33.77 6.51
C ILE C 57 31.54 34.27 6.51
N PRO C 58 31.94 35.09 7.49
CA PRO C 58 33.25 35.74 7.41
C PRO C 58 34.38 34.72 7.41
N GLU C 59 35.47 35.09 6.73
CA GLU C 59 36.61 34.19 6.53
C GLU C 59 37.34 33.85 7.80
N ARG C 60 36.99 34.47 8.93
CA ARG C 60 37.58 34.11 10.21
C ARG C 60 36.99 32.83 10.78
N PHE C 61 35.84 32.36 10.27
CA PHE C 61 35.31 31.06 10.64
C PHE C 61 36.03 30.00 9.83
N SER C 62 37.08 29.40 10.40
CA SER C 62 37.86 28.39 9.71
C SER C 62 37.74 27.07 10.45
N GLY C 63 37.50 26.00 9.71
CA GLY C 63 37.38 24.69 10.30
C GLY C 63 38.28 23.68 9.61
N SER C 64 38.51 22.57 10.30
CA SER C 64 39.30 21.48 9.76
C SER C 64 38.84 20.18 10.38
N ASN C 65 39.15 19.07 9.71
CA ASN C 65 38.81 17.74 10.19
C ASN C 65 39.97 16.80 9.91
N SER C 66 40.32 15.98 10.89
CA SER C 66 41.46 15.06 10.76
C SER C 66 41.35 13.99 11.83
N GLY C 67 41.34 12.72 11.40
CA GLY C 67 41.37 11.61 12.33
C GLY C 67 40.06 11.38 13.05
N ASN C 68 40.04 11.68 14.35
CA ASN C 68 38.83 11.57 15.16
C ASN C 68 38.40 12.91 15.73
N THR C 69 38.94 14.01 15.22
CA THR C 69 38.69 15.33 15.78
C THR C 69 38.34 16.31 14.68
N ALA C 70 37.26 17.07 14.88
CA ALA C 70 36.91 18.19 14.03
C ALA C 70 36.96 19.46 14.87
N THR C 71 37.69 20.45 14.39
CA THR C 71 37.86 21.71 15.11
C THR C 71 37.27 22.86 14.32
N LEU C 72 36.74 23.84 15.05
CA LEU C 72 36.32 25.11 14.47
C LEU C 72 37.17 26.20 15.09
N THR C 73 37.63 27.14 14.28
CA THR C 73 38.53 28.18 14.73
C THR C 73 37.91 29.54 14.43
N ILE C 74 37.87 30.41 15.43
CA ILE C 74 37.32 31.75 15.30
C ILE C 74 38.46 32.72 15.59
N GLY C 75 39.19 33.11 14.54
CA GLY C 75 40.23 34.11 14.71
C GLY C 75 39.64 35.50 14.83
N GLY C 76 40.26 36.31 15.68
CA GLY C 76 39.75 37.65 15.92
C GLY C 76 38.36 37.64 16.48
N THR C 77 38.13 36.84 17.52
CA THR C 77 36.80 36.70 18.10
C THR C 77 36.27 38.05 18.59
N GLN C 78 35.03 38.35 18.21
CA GLN C 78 34.36 39.59 18.58
C GLN C 78 33.20 39.30 19.52
N ALA C 79 32.68 40.37 20.13
CA ALA C 79 31.60 40.23 21.10
C ALA C 79 30.33 39.67 20.47
N MET C 80 30.21 39.72 19.14
CA MET C 80 29.04 39.20 18.44
C MET C 80 29.08 37.70 18.27
N ASP C 81 30.17 37.04 18.69
CA ASP C 81 30.36 35.62 18.46
C ASP C 81 29.80 34.75 19.58
N GLU C 82 29.41 35.33 20.72
CA GLU C 82 28.87 34.54 21.82
C GLU C 82 27.64 33.77 21.39
N ALA C 83 27.76 32.45 21.32
CA ALA C 83 26.69 31.57 20.86
C ALA C 83 27.13 30.14 21.11
N ALA C 84 26.16 29.23 21.08
CA ALA C 84 26.45 27.81 21.12
C ALA C 84 26.82 27.33 19.72
N TYR C 85 27.65 26.28 19.67
CA TYR C 85 28.14 25.75 18.41
C TYR C 85 27.97 24.24 18.41
N PHE C 86 27.42 23.71 17.33
CA PHE C 86 27.05 22.30 17.25
C PHE C 86 27.79 21.63 16.10
N CYS C 87 28.56 20.61 16.43
CA CYS C 87 29.13 19.70 15.46
C CYS C 87 28.03 18.83 14.86
N GLN C 88 28.20 18.44 13.60
CA GLN C 88 27.15 17.66 12.93
C GLN C 88 27.76 16.76 11.89
N ALA C 89 27.22 15.55 11.78
CA ALA C 89 27.72 14.55 10.85
C ALA C 89 26.61 13.57 10.53
N TRP C 90 26.83 12.75 9.51
CA TRP C 90 25.89 11.72 9.10
C TRP C 90 26.51 10.35 9.33
N ASP C 91 25.66 9.37 9.67
CA ASP C 91 26.11 8.01 9.94
C ASP C 91 25.04 7.06 9.43
N SER C 92 25.34 6.39 8.32
CA SER C 92 24.38 5.52 7.64
C SER C 92 23.07 6.26 7.38
N ASN C 93 23.21 7.45 6.79
CA ASN C 93 22.09 8.32 6.44
C ASN C 93 21.27 8.74 7.66
N THR C 94 21.88 8.70 8.84
CA THR C 94 21.25 9.17 10.07
C THR C 94 22.05 10.36 10.59
N GLY C 95 21.39 11.49 10.78
CA GLY C 95 22.09 12.68 11.22
C GLY C 95 22.48 12.59 12.69
N VAL C 96 23.55 13.30 13.02
CA VAL C 96 24.13 13.26 14.36
C VAL C 96 24.62 14.64 14.72
N PHE C 97 24.17 15.17 15.85
CA PHE C 97 24.62 16.45 16.35
C PHE C 97 25.51 16.24 17.57
N GLY C 98 26.45 17.15 17.76
CA GLY C 98 27.27 17.16 18.95
C GLY C 98 26.49 17.63 20.15
N GLY C 99 27.15 17.62 21.30
CA GLY C 99 26.51 18.06 22.52
C GLY C 99 26.17 19.53 22.53
N GLY C 100 27.01 20.36 21.93
CA GLY C 100 26.77 21.79 21.89
C GLY C 100 27.71 22.56 22.78
N THR C 101 28.73 23.16 22.19
CA THR C 101 29.75 23.90 22.92
C THR C 101 29.35 25.38 23.01
N LYS C 102 29.14 25.86 24.22
CA LYS C 102 28.92 27.28 24.43
C LYS C 102 30.24 28.05 24.34
N LEU C 103 30.13 29.31 23.92
CA LEU C 103 31.28 30.19 23.74
C LEU C 103 30.96 31.51 24.41
N THR C 104 31.67 31.82 25.49
CA THR C 104 31.44 33.04 26.26
C THR C 104 32.58 34.01 25.96
N VAL C 105 32.26 35.12 25.28
CA VAL C 105 33.24 36.12 24.92
C VAL C 105 33.25 37.16 26.03
N LEU C 106 34.22 37.04 26.94
CA LEU C 106 34.32 37.90 28.11
C LEU C 106 34.36 39.38 27.76
N VAL D 2 -13.31 -19.88 14.23
CA VAL D 2 -12.17 -19.12 14.71
C VAL D 2 -11.45 -19.89 15.81
N GLN D 3 -10.16 -20.16 15.61
CA GLN D 3 -9.34 -20.84 16.59
C GLN D 3 -8.04 -20.07 16.76
N LEU D 4 -7.59 -19.97 18.01
CA LEU D 4 -6.30 -19.36 18.33
C LEU D 4 -5.62 -20.29 19.33
N LEU D 5 -4.71 -21.11 18.85
CA LEU D 5 -3.96 -22.04 19.69
C LEU D 5 -2.54 -21.52 19.83
N GLU D 6 -2.07 -21.41 21.06
CA GLU D 6 -0.76 -20.82 21.35
C GLU D 6 0.23 -21.89 21.77
N SER D 7 1.45 -21.77 21.26
CA SER D 7 2.54 -22.68 21.58
C SER D 7 3.58 -21.92 22.41
N GLY D 8 4.67 -22.60 22.71
CA GLY D 8 5.68 -21.99 23.53
C GLY D 8 5.22 -21.87 24.98
N GLY D 9 5.99 -21.11 25.74
CA GLY D 9 5.67 -20.93 27.15
C GLY D 9 6.14 -22.09 28.01
N GLY D 10 6.52 -21.79 29.23
CA GLY D 10 7.06 -22.80 30.14
C GLY D 10 7.87 -22.17 31.24
N VAL D 11 9.08 -22.65 31.44
CA VAL D 11 9.98 -22.14 32.47
C VAL D 11 11.29 -21.75 31.81
N VAL D 12 11.76 -20.53 32.09
CA VAL D 12 13.01 -20.00 31.57
C VAL D 12 13.76 -19.31 32.69
N GLN D 13 14.91 -18.72 32.35
CA GLN D 13 15.80 -18.10 33.33
C GLN D 13 15.77 -16.59 33.21
N PRO D 14 15.86 -15.87 34.34
CA PRO D 14 15.84 -14.39 34.29
C PRO D 14 16.97 -13.87 33.41
N GLY D 15 16.58 -13.20 32.33
CA GLY D 15 17.52 -12.77 31.32
C GLY D 15 17.53 -13.63 30.07
N GLY D 16 16.89 -14.79 30.10
CA GLY D 16 16.81 -15.65 28.94
C GLY D 16 15.80 -15.16 27.93
N SER D 17 15.64 -15.94 26.86
CA SER D 17 14.78 -15.56 25.75
C SER D 17 13.87 -16.72 25.36
N LEU D 18 12.62 -16.39 25.05
CA LEU D 18 11.60 -17.37 24.69
C LEU D 18 10.93 -16.94 23.39
N ARG D 19 10.05 -17.81 22.89
CA ARG D 19 9.29 -17.52 21.68
C ARG D 19 7.87 -18.05 21.86
N LEU D 20 6.89 -17.19 21.61
CA LEU D 20 5.49 -17.56 21.69
C LEU D 20 4.89 -17.55 20.29
N SER D 21 4.11 -18.59 19.99
CA SER D 21 3.50 -18.76 18.69
C SER D 21 2.00 -18.89 18.85
N CYS D 22 1.24 -18.11 18.08
CA CYS D 22 -0.21 -18.21 18.04
C CYS D 22 -0.59 -18.66 16.63
N ALA D 23 -1.31 -19.78 16.55
CA ALA D 23 -1.68 -20.39 15.28
C ALA D 23 -3.15 -20.12 15.03
N ALA D 24 -3.45 -19.34 13.99
CA ALA D 24 -4.80 -18.90 13.70
C ALA D 24 -5.41 -19.73 12.59
N SER D 25 -6.68 -20.10 12.76
CA SER D 25 -7.40 -20.85 11.74
C SER D 25 -8.87 -20.50 11.83
N GLY D 26 -9.59 -20.76 10.74
CA GLY D 26 -11.01 -20.51 10.71
C GLY D 26 -11.41 -19.09 10.40
N PHE D 27 -10.46 -18.22 10.09
CA PHE D 27 -10.75 -16.84 9.71
C PHE D 27 -9.58 -16.32 8.89
N ALA D 28 -9.77 -15.15 8.29
CA ALA D 28 -8.83 -14.60 7.33
C ALA D 28 -7.41 -14.48 7.88
N PHE D 29 -7.22 -13.64 8.89
CA PHE D 29 -5.94 -13.42 9.58
C PHE D 29 -4.94 -12.67 8.72
N THR D 30 -5.25 -12.49 7.44
CA THR D 30 -4.47 -11.58 6.62
C THR D 30 -5.09 -10.20 6.56
N THR D 31 -6.33 -10.09 7.03
CA THR D 31 -7.07 -8.83 7.05
C THR D 31 -7.36 -8.35 8.47
N TYR D 32 -6.79 -9.00 9.49
CA TYR D 32 -7.02 -8.66 10.87
C TYR D 32 -5.73 -8.27 11.55
N ALA D 33 -5.85 -7.45 12.59
CA ALA D 33 -4.73 -7.09 13.44
C ALA D 33 -4.80 -7.90 14.72
N MET D 34 -3.64 -8.35 15.20
CA MET D 34 -3.59 -9.26 16.33
C MET D 34 -2.91 -8.61 17.51
N ASN D 35 -3.33 -9.01 18.71
CA ASN D 35 -2.85 -8.47 19.95
C ASN D 35 -2.18 -9.57 20.77
N TRP D 36 -1.34 -9.15 21.70
CA TRP D 36 -0.89 -9.99 22.80
C TRP D 36 -1.25 -9.29 24.10
N VAL D 37 -1.95 -10.01 24.99
CA VAL D 37 -2.31 -9.50 26.30
C VAL D 37 -1.93 -10.53 27.33
N ARG D 38 -1.20 -10.10 28.36
CA ARG D 38 -0.73 -11.00 29.40
C ARG D 38 -1.48 -10.73 30.69
N GLN D 39 -1.42 -11.71 31.60
CA GLN D 39 -2.05 -11.60 32.91
C GLN D 39 -1.15 -12.29 33.93
N ALA D 40 -0.50 -11.51 34.77
CA ALA D 40 0.29 -12.08 35.86
C ALA D 40 -0.65 -12.79 36.84
N PRO D 41 -0.14 -13.78 37.56
CA PRO D 41 -1.01 -14.51 38.51
C PRO D 41 -1.66 -13.60 39.54
N GLY D 42 -2.99 -13.46 39.44
CA GLY D 42 -3.74 -12.63 40.35
C GLY D 42 -3.43 -11.15 40.27
N ARG D 43 -3.32 -10.60 39.06
CA ARG D 43 -3.11 -9.16 38.91
C ARG D 43 -3.95 -8.48 37.85
N GLY D 44 -4.59 -9.20 36.94
CA GLY D 44 -5.44 -8.57 35.94
C GLY D 44 -4.74 -8.38 34.60
N LEU D 45 -5.54 -8.03 33.61
CA LEU D 45 -5.09 -7.96 32.22
C LEU D 45 -4.28 -6.70 31.97
N GLU D 46 -3.16 -6.85 31.26
CA GLU D 46 -2.42 -5.71 30.73
C GLU D 46 -2.02 -5.98 29.29
N TRP D 47 -2.12 -4.95 28.46
CA TRP D 47 -1.78 -5.05 27.05
C TRP D 47 -0.28 -5.11 26.86
N VAL D 48 0.16 -5.82 25.82
CA VAL D 48 1.59 -6.02 25.56
C VAL D 48 1.99 -5.48 24.20
N SER D 49 1.40 -6.03 23.13
CA SER D 49 1.76 -5.59 21.79
C SER D 49 0.61 -5.84 20.83
N ALA D 50 0.69 -5.19 19.67
CA ALA D 50 -0.29 -5.32 18.61
C ALA D 50 0.40 -5.10 17.27
N ILE D 51 -0.02 -5.86 16.26
CA ILE D 51 0.54 -5.73 14.92
C ILE D 51 -0.60 -5.62 13.93
N SER D 52 -0.33 -4.95 12.80
CA SER D 52 -1.35 -4.62 11.83
C SER D 52 -1.65 -5.81 10.92
N ASP D 53 -2.37 -5.54 9.82
CA ASP D 53 -2.83 -6.60 8.93
C ASP D 53 -1.67 -7.39 8.34
N GLY D 54 -0.70 -6.69 7.76
CA GLY D 54 0.40 -7.37 7.10
C GLY D 54 1.75 -7.06 7.70
N GLY D 55 1.81 -6.83 9.00
CA GLY D 55 3.01 -6.36 9.62
C GLY D 55 3.20 -4.87 9.40
N GLY D 56 4.43 -4.42 9.66
CA GLY D 56 4.75 -3.02 9.50
C GLY D 56 4.44 -2.20 10.73
N SER D 57 3.16 -1.98 11.00
CA SER D 57 2.73 -1.28 12.19
C SER D 57 2.76 -2.24 13.37
N ALA D 58 3.73 -2.07 14.26
CA ALA D 58 3.84 -2.88 15.46
C ALA D 58 3.97 -1.94 16.65
N TYR D 59 3.16 -2.17 17.67
CA TYR D 59 3.10 -1.31 18.85
C TYR D 59 3.40 -2.15 20.08
N TYR D 60 4.08 -1.54 21.06
CA TYR D 60 4.48 -2.25 22.26
C TYR D 60 4.11 -1.43 23.48
N ALA D 61 3.79 -2.14 24.57
CA ALA D 61 3.70 -1.49 25.87
C ALA D 61 5.06 -1.02 26.31
N ASP D 62 5.09 0.08 27.06
CA ASP D 62 6.37 0.68 27.43
C ASP D 62 7.20 -0.23 28.32
N SER D 63 6.56 -1.10 29.10
CA SER D 63 7.27 -2.03 29.97
C SER D 63 7.92 -3.18 29.21
N VAL D 64 7.59 -3.37 27.93
CA VAL D 64 8.23 -4.37 27.09
C VAL D 64 8.88 -3.76 25.86
N LYS D 65 8.77 -2.45 25.67
CA LYS D 65 9.31 -1.77 24.50
C LYS D 65 10.81 -2.01 24.37
N GLY D 66 11.21 -2.72 23.32
CA GLY D 66 12.60 -3.02 23.07
C GLY D 66 12.98 -4.45 23.36
N ARG D 67 12.50 -5.00 24.47
CA ARG D 67 12.78 -6.39 24.81
C ARG D 67 11.97 -7.35 23.95
N PHE D 68 10.69 -7.05 23.74
CA PHE D 68 9.78 -7.93 23.03
C PHE D 68 9.61 -7.45 21.59
N THR D 69 9.62 -8.39 20.65
CA THR D 69 9.33 -8.10 19.26
C THR D 69 8.17 -8.98 18.80
N ILE D 70 7.26 -8.40 18.03
CA ILE D 70 6.08 -9.09 17.54
C ILE D 70 6.18 -9.23 16.03
N SER D 71 5.69 -10.35 15.52
CA SER D 71 5.73 -10.60 14.09
C SER D 71 4.67 -11.63 13.74
N ARG D 72 4.29 -11.63 12.47
CA ARG D 72 3.32 -12.57 11.94
C ARG D 72 3.82 -13.13 10.62
N ASP D 73 3.48 -14.38 10.36
CA ASP D 73 3.78 -15.04 9.09
C ASP D 73 2.43 -15.34 8.44
N ASN D 74 2.07 -14.56 7.43
CA ASN D 74 0.73 -14.65 6.87
C ASN D 74 0.52 -15.88 6.01
N SER D 75 1.58 -16.46 5.47
CA SER D 75 1.44 -17.72 4.75
C SER D 75 1.21 -18.89 5.70
N LYS D 76 1.83 -18.84 6.88
CA LYS D 76 1.61 -19.86 7.90
C LYS D 76 0.44 -19.55 8.82
N ASN D 77 -0.13 -18.35 8.72
CA ASN D 77 -1.19 -17.89 9.63
C ASN D 77 -0.76 -18.04 11.08
N THR D 78 0.45 -17.59 11.37
CA THR D 78 1.04 -17.74 12.69
C THR D 78 1.44 -16.37 13.22
N LEU D 79 1.05 -16.07 14.46
CA LEU D 79 1.46 -14.86 15.15
C LEU D 79 2.57 -15.20 16.14
N TYR D 80 3.63 -14.41 16.12
CA TYR D 80 4.81 -14.67 16.94
C TYR D 80 5.00 -13.56 17.97
N LEU D 81 5.65 -13.93 19.06
CA LEU D 81 6.15 -12.96 20.04
C LEU D 81 7.46 -13.50 20.60
N GLN D 82 8.55 -12.78 20.34
CA GLN D 82 9.86 -13.17 20.83
C GLN D 82 10.18 -12.36 22.09
N MET D 83 10.41 -13.07 23.18
CA MET D 83 10.74 -12.45 24.45
C MET D 83 12.26 -12.43 24.60
N ASN D 84 12.82 -11.28 24.93
CA ASN D 84 14.25 -11.16 25.16
C ASN D 84 14.51 -10.51 26.51
N SER D 85 15.60 -10.94 27.15
CA SER D 85 16.02 -10.43 28.45
C SER D 85 14.86 -10.45 29.45
N LEU D 86 14.27 -11.63 29.60
CA LEU D 86 13.09 -11.78 30.42
C LEU D 86 13.38 -11.47 31.88
N ARG D 87 12.50 -10.69 32.50
CA ARG D 87 12.61 -10.36 33.92
C ARG D 87 11.73 -11.32 34.72
N ALA D 88 11.72 -11.14 36.04
CA ALA D 88 10.78 -11.86 36.89
C ALA D 88 9.43 -11.19 36.97
N GLU D 89 9.26 -10.05 36.31
CA GLU D 89 7.98 -9.35 36.24
C GLU D 89 7.21 -9.66 34.97
N ASP D 90 7.67 -10.66 34.21
CA ASP D 90 6.98 -11.12 33.02
C ASP D 90 6.27 -12.45 33.23
N THR D 91 6.33 -13.01 34.44
CA THR D 91 5.65 -14.25 34.74
C THR D 91 4.15 -14.05 34.62
N ALA D 92 3.55 -14.57 33.56
CA ALA D 92 2.16 -14.29 33.26
C ALA D 92 1.63 -15.33 32.28
N VAL D 93 0.31 -15.37 32.14
CA VAL D 93 -0.35 -16.16 31.11
C VAL D 93 -0.64 -15.24 29.94
N TYR D 94 -0.15 -15.59 28.76
CA TYR D 94 -0.20 -14.72 27.59
C TYR D 94 -1.30 -15.18 26.64
N TYR D 95 -2.11 -14.23 26.18
CA TYR D 95 -3.21 -14.50 25.26
C TYR D 95 -2.95 -13.76 23.96
N CYS D 96 -3.10 -14.46 22.84
CA CYS D 96 -3.25 -13.76 21.57
C CYS D 96 -4.72 -13.43 21.36
N ALA D 97 -4.98 -12.28 20.77
CA ALA D 97 -6.33 -11.78 20.61
C ALA D 97 -6.43 -11.03 19.29
N LYS D 98 -7.47 -11.30 18.51
CA LYS D 98 -7.65 -10.66 17.22
C LYS D 98 -8.54 -9.43 17.38
N THR D 99 -8.19 -8.36 16.67
CA THR D 99 -8.98 -7.14 16.71
C THR D 99 -10.37 -7.41 16.13
N ARG D 100 -11.37 -6.74 16.70
CA ARG D 100 -12.76 -7.01 16.32
C ARG D 100 -13.07 -6.52 14.91
N GLY D 101 -12.49 -5.40 14.49
CA GLY D 101 -12.86 -4.76 13.25
C GLY D 101 -11.65 -4.50 12.37
N ARG D 102 -11.93 -4.14 11.12
CA ARG D 102 -10.90 -3.97 10.11
C ARG D 102 -10.94 -2.59 9.44
N GLY D 103 -11.83 -1.71 9.87
CA GLY D 103 -11.93 -0.39 9.28
C GLY D 103 -10.85 0.55 9.76
N LEU D 104 -10.85 1.74 9.18
CA LEU D 104 -9.99 2.83 9.62
C LEU D 104 -10.65 3.51 10.82
N TYR D 105 -9.93 3.59 11.93
CA TYR D 105 -10.43 3.89 13.29
C TYR D 105 -11.02 2.66 13.94
N ASP D 106 -10.85 1.48 13.34
CA ASP D 106 -10.90 0.21 14.07
C ASP D 106 -9.45 -0.16 14.36
N TYR D 107 -8.94 0.41 15.44
CA TYR D 107 -7.50 0.48 15.68
C TYR D 107 -6.90 -0.88 15.93
N VAL D 108 -5.64 -1.06 15.51
CA VAL D 108 -4.99 -2.36 15.64
C VAL D 108 -4.85 -2.73 17.11
N TRP D 109 -4.84 -1.75 18.01
CA TRP D 109 -4.79 -1.96 19.45
C TRP D 109 -6.18 -1.98 20.08
N GLY D 110 -7.24 -1.93 19.28
CA GLY D 110 -8.57 -1.71 19.78
C GLY D 110 -9.29 -2.90 20.35
N SER D 111 -10.58 -3.01 20.05
CA SER D 111 -11.41 -4.08 20.60
C SER D 111 -10.91 -5.44 20.14
N LYS D 112 -10.80 -6.38 21.09
CA LYS D 112 -10.33 -7.72 20.80
C LYS D 112 -11.52 -8.67 20.84
N ASP D 113 -11.83 -9.25 19.68
CA ASP D 113 -13.04 -10.04 19.53
C ASP D 113 -12.88 -11.44 20.11
N TYR D 114 -11.87 -12.18 19.67
CA TYR D 114 -11.63 -13.54 20.10
C TYR D 114 -10.26 -13.64 20.76
N TRP D 115 -10.21 -14.35 21.87
CA TRP D 115 -8.99 -14.58 22.62
C TRP D 115 -8.59 -16.05 22.56
N GLY D 116 -7.32 -16.32 22.81
CA GLY D 116 -6.84 -17.68 22.97
C GLY D 116 -7.00 -18.15 24.40
N GLN D 117 -6.61 -19.41 24.62
CA GLN D 117 -6.74 -20.02 25.95
C GLN D 117 -5.56 -19.73 26.86
N GLY D 118 -4.52 -19.07 26.35
CA GLY D 118 -3.41 -18.66 27.19
C GLY D 118 -2.36 -19.72 27.44
N THR D 119 -1.09 -19.33 27.31
CA THR D 119 0.03 -20.17 27.69
C THR D 119 0.85 -19.46 28.76
N LEU D 120 1.15 -20.17 29.84
CA LEU D 120 1.88 -19.60 30.96
C LEU D 120 3.36 -19.52 30.63
N VAL D 121 3.97 -18.38 30.97
CA VAL D 121 5.42 -18.20 30.90
C VAL D 121 5.92 -17.93 32.31
N THR D 122 6.83 -18.78 32.79
CA THR D 122 7.27 -18.75 34.17
C THR D 122 8.77 -18.47 34.21
N VAL D 123 9.14 -17.22 34.47
CA VAL D 123 10.54 -16.87 34.70
C VAL D 123 10.87 -17.22 36.14
N SER D 124 11.76 -18.18 36.33
CA SER D 124 12.08 -18.67 37.66
C SER D 124 13.33 -19.55 37.56
N SER D 125 13.82 -19.98 38.72
CA SER D 125 14.99 -20.84 38.78
C SER D 125 14.96 -21.72 40.02
N ASP E 1 -0.35 7.67 29.67
CA ASP E 1 -1.32 6.61 29.88
C ASP E 1 -2.67 7.18 30.29
N ILE E 2 -3.73 6.47 29.94
CA ILE E 2 -5.08 6.79 30.39
C ILE E 2 -5.40 5.86 31.56
N VAL E 3 -5.41 6.41 32.77
CA VAL E 3 -5.78 5.61 33.92
C VAL E 3 -7.28 5.39 33.91
N MET E 4 -7.69 4.13 34.04
CA MET E 4 -9.10 3.75 34.12
C MET E 4 -9.38 3.24 35.52
N THR E 5 -10.33 3.86 36.21
CA THR E 5 -10.68 3.48 37.57
C THR E 5 -12.11 2.93 37.56
N GLN E 6 -12.27 1.71 38.07
CA GLN E 6 -13.56 1.08 38.19
C GLN E 6 -14.15 1.30 39.58
N SER E 7 -15.44 1.02 39.71
CA SER E 7 -16.14 1.03 40.97
C SER E 7 -17.48 0.33 40.81
N PRO E 8 -17.83 -0.61 41.70
CA PRO E 8 -17.01 -1.07 42.83
C PRO E 8 -16.06 -2.19 42.43
N LEU E 9 -15.12 -2.54 43.32
CA LEU E 9 -14.22 -3.65 43.05
C LEU E 9 -14.86 -5.00 43.35
N SER E 10 -15.82 -5.05 44.27
CA SER E 10 -16.63 -6.25 44.50
C SER E 10 -18.09 -5.86 44.41
N LEU E 11 -18.90 -6.78 43.93
CA LEU E 11 -20.31 -6.50 43.65
C LEU E 11 -21.15 -7.74 43.95
N PRO E 12 -21.45 -7.99 45.22
CA PRO E 12 -22.28 -9.16 45.57
C PRO E 12 -23.72 -8.93 45.14
N VAL E 13 -24.21 -9.78 44.23
CA VAL E 13 -25.53 -9.64 43.65
C VAL E 13 -26.27 -10.97 43.75
N THR E 14 -27.49 -10.92 44.25
CA THR E 14 -28.38 -12.08 44.17
C THR E 14 -28.79 -12.28 42.72
N PRO E 15 -28.69 -13.49 42.18
CA PRO E 15 -29.09 -13.69 40.78
C PRO E 15 -30.58 -13.47 40.57
N GLY E 16 -30.91 -12.92 39.41
CA GLY E 16 -32.23 -12.41 39.11
C GLY E 16 -32.37 -10.91 39.27
N GLU E 17 -31.45 -10.28 40.00
CA GLU E 17 -31.44 -8.84 40.20
C GLU E 17 -30.67 -8.17 39.09
N PRO E 18 -30.82 -6.85 38.93
CA PRO E 18 -29.96 -6.10 38.01
C PRO E 18 -28.69 -5.62 38.68
N ALA E 19 -27.65 -5.43 37.87
CA ALA E 19 -26.35 -5.03 38.37
C ALA E 19 -25.78 -3.93 37.48
N SER E 20 -24.91 -3.11 38.08
CA SER E 20 -24.29 -2.00 37.37
C SER E 20 -22.82 -1.90 37.73
N ILE E 21 -21.99 -1.55 36.75
CA ILE E 21 -20.57 -1.33 36.93
C ILE E 21 -20.23 0.00 36.30
N SER E 22 -19.19 0.65 36.81
CA SER E 22 -18.80 1.97 36.34
C SER E 22 -17.31 2.02 36.05
N CYS E 23 -16.93 2.89 35.12
CA CYS E 23 -15.53 3.08 34.75
C CYS E 23 -15.29 4.56 34.52
N ARG E 24 -14.35 5.14 35.27
CA ARG E 24 -13.95 6.53 35.12
C ARG E 24 -12.63 6.59 34.37
N SER E 25 -12.56 7.43 33.35
CA SER E 25 -11.37 7.60 32.53
C SER E 25 -10.76 8.96 32.78
N SER E 26 -9.43 9.02 32.82
CA SER E 26 -8.76 10.30 33.07
C SER E 26 -8.70 11.17 31.83
N GLN E 27 -8.92 10.60 30.65
CA GLN E 27 -9.02 11.34 29.40
C GLN E 27 -10.46 11.33 28.92
N SER E 28 -10.70 12.02 27.82
CA SER E 28 -11.97 11.93 27.10
C SER E 28 -11.81 10.91 25.99
N LEU E 29 -12.61 9.84 26.04
CA LEU E 29 -12.52 8.75 25.08
C LEU E 29 -13.45 8.95 23.90
N LEU E 30 -13.73 10.19 23.53
CA LEU E 30 -14.77 10.52 22.56
C LEU E 30 -14.16 10.92 21.22
N HIS E 31 -14.79 10.41 20.15
CA HIS E 31 -14.57 10.86 18.77
C HIS E 31 -13.10 10.78 18.36
N SER E 32 -12.62 9.54 18.26
CA SER E 32 -11.66 9.30 17.20
C SER E 32 -12.34 9.46 15.85
N ASN E 33 -13.63 9.11 15.79
CA ASN E 33 -14.48 9.37 14.62
C ASN E 33 -15.91 9.76 14.95
N GLY E 34 -16.28 9.88 16.23
CA GLY E 34 -17.65 10.14 16.61
C GLY E 34 -18.15 9.19 17.69
N TYR E 35 -17.36 8.16 17.99
CA TYR E 35 -17.74 7.12 18.93
C TYR E 35 -17.03 7.32 20.27
N LEU E 36 -17.31 6.43 21.22
CA LEU E 36 -16.66 6.41 22.52
C LEU E 36 -15.82 5.14 22.59
N TYR E 37 -14.51 5.29 22.53
CA TYR E 37 -13.61 4.14 22.35
C TYR E 37 -13.33 3.47 23.69
N LEU E 38 -14.36 2.80 24.21
CA LEU E 38 -14.26 2.06 25.46
C LEU E 38 -14.93 0.70 25.32
N ASP E 39 -14.23 -0.35 25.74
CA ASP E 39 -14.72 -1.72 25.66
C ASP E 39 -14.92 -2.31 27.04
N TRP E 40 -15.82 -3.27 27.14
CA TRP E 40 -16.09 -4.01 28.37
C TRP E 40 -15.80 -5.48 28.14
N TYR E 41 -14.99 -6.08 29.00
CA TYR E 41 -14.63 -7.48 28.91
C TYR E 41 -15.08 -8.23 30.15
N LEU E 42 -15.62 -9.42 29.98
CA LEU E 42 -15.90 -10.33 31.07
C LEU E 42 -14.92 -11.49 31.02
N GLN E 43 -14.27 -11.76 32.15
CA GLN E 43 -13.44 -12.93 32.31
C GLN E 43 -14.09 -13.85 33.33
N LYS E 44 -14.58 -14.99 32.86
CA LYS E 44 -15.18 -15.97 33.75
C LYS E 44 -14.07 -16.70 34.52
N PRO E 45 -14.41 -17.29 35.66
CA PRO E 45 -13.37 -17.95 36.48
C PRO E 45 -12.69 -19.08 35.72
N GLY E 46 -11.38 -18.93 35.50
CA GLY E 46 -10.62 -19.95 34.82
C GLY E 46 -10.83 -20.04 33.33
N GLN E 47 -11.35 -18.99 32.71
CA GLN E 47 -11.53 -18.94 31.26
C GLN E 47 -10.74 -17.77 30.69
N SER E 48 -10.81 -17.64 29.44
CA SER E 48 -10.19 -16.49 28.81
C SER E 48 -11.17 -15.32 28.77
N PRO E 49 -10.68 -14.08 28.74
CA PRO E 49 -11.59 -12.94 28.61
C PRO E 49 -12.43 -13.04 27.36
N GLN E 50 -13.67 -12.59 27.46
CA GLN E 50 -14.56 -12.53 26.30
C GLN E 50 -15.10 -11.11 26.16
N LEU E 51 -15.11 -10.62 24.93
CA LEU E 51 -15.61 -9.27 24.67
C LEU E 51 -17.10 -9.23 24.93
N LEU E 52 -17.54 -8.17 25.63
CA LEU E 52 -18.94 -7.94 25.91
C LEU E 52 -19.50 -6.77 25.11
N ILE E 53 -18.83 -5.63 25.15
CA ILE E 53 -19.34 -4.38 24.61
C ILE E 53 -18.15 -3.60 24.08
N TYR E 54 -18.34 -2.96 22.92
CA TYR E 54 -17.28 -2.19 22.30
C TYR E 54 -17.86 -0.88 21.82
N LEU E 55 -16.99 0.13 21.72
CA LEU E 55 -17.38 1.47 21.30
C LEU E 55 -18.48 2.04 22.19
N GLY E 56 -18.39 1.75 23.47
CA GLY E 56 -19.31 2.31 24.46
C GLY E 56 -20.60 1.57 24.68
N SER E 57 -21.35 1.31 23.60
CA SER E 57 -22.68 0.71 23.72
C SER E 57 -22.95 -0.43 22.77
N ASN E 58 -22.10 -0.67 21.76
CA ASN E 58 -22.36 -1.71 20.78
C ASN E 58 -22.03 -3.08 21.37
N ARG E 59 -23.04 -3.95 21.41
CA ARG E 59 -22.84 -5.30 21.90
C ARG E 59 -22.05 -6.13 20.90
N ALA E 60 -21.13 -6.94 21.41
CA ALA E 60 -20.41 -7.88 20.56
C ALA E 60 -21.33 -9.03 20.17
N SER E 61 -20.85 -9.90 19.28
CA SER E 61 -21.63 -11.04 18.86
C SER E 61 -21.73 -12.07 19.99
N GLY E 62 -22.84 -12.80 19.99
CA GLY E 62 -23.07 -13.83 20.98
C GLY E 62 -23.38 -13.32 22.37
N VAL E 63 -23.46 -12.01 22.55
CA VAL E 63 -23.68 -11.42 23.87
C VAL E 63 -25.19 -11.33 24.11
N PRO E 64 -25.68 -11.79 25.25
CA PRO E 64 -27.12 -11.78 25.51
C PRO E 64 -27.74 -10.39 25.50
N ASP E 65 -29.06 -10.33 25.60
CA ASP E 65 -29.78 -9.06 25.49
C ASP E 65 -29.63 -8.18 26.71
N ARG E 66 -29.22 -8.75 27.85
CA ARG E 66 -29.21 -8.01 29.10
C ARG E 66 -27.97 -7.14 29.27
N PHE E 67 -26.93 -7.35 28.48
CA PHE E 67 -25.68 -6.61 28.65
C PHE E 67 -25.76 -5.33 27.80
N SER E 68 -26.03 -4.21 28.46
CA SER E 68 -26.12 -2.92 27.79
C SER E 68 -25.12 -1.96 28.41
N GLY E 69 -24.38 -1.25 27.57
CA GLY E 69 -23.43 -0.27 28.03
C GLY E 69 -23.89 1.14 27.75
N SER E 70 -23.35 2.12 28.47
CA SER E 70 -23.80 3.50 28.32
C SER E 70 -22.70 4.42 28.80
N GLY E 71 -22.90 5.71 28.57
CA GLY E 71 -22.00 6.72 29.10
C GLY E 71 -21.15 7.34 28.02
N SER E 72 -20.88 8.63 28.17
CA SER E 72 -20.11 9.38 27.18
C SER E 72 -19.04 10.21 27.87
N GLY E 73 -17.95 10.42 27.15
CA GLY E 73 -16.88 11.31 27.58
C GLY E 73 -15.90 10.68 28.57
N THR E 74 -16.29 10.60 29.84
CA THR E 74 -15.42 10.03 30.86
C THR E 74 -16.13 9.08 31.82
N ASP E 75 -17.46 9.06 31.87
CA ASP E 75 -18.20 8.21 32.78
C ASP E 75 -18.94 7.15 31.97
N PHE E 76 -18.67 5.89 32.26
CA PHE E 76 -19.23 4.79 31.49
C PHE E 76 -19.83 3.76 32.44
N THR E 77 -20.91 3.12 32.00
CA THR E 77 -21.66 2.22 32.86
C THR E 77 -22.05 0.95 32.12
N LEU E 78 -21.74 -0.19 32.72
CA LEU E 78 -22.29 -1.47 32.30
C LEU E 78 -23.53 -1.77 33.13
N LYS E 79 -24.56 -2.30 32.48
CA LYS E 79 -25.81 -2.63 33.17
C LYS E 79 -26.25 -4.03 32.75
N ILE E 80 -26.06 -4.99 33.63
CA ILE E 80 -26.65 -6.32 33.46
C ILE E 80 -28.09 -6.23 33.92
N SER E 81 -29.03 -6.37 32.98
CA SER E 81 -30.44 -6.10 33.30
C SER E 81 -30.99 -7.12 34.28
N ARG E 82 -30.55 -8.37 34.21
CA ARG E 82 -30.94 -9.37 35.19
C ARG E 82 -29.78 -10.34 35.36
N VAL E 83 -29.25 -10.41 36.58
CA VAL E 83 -28.11 -11.28 36.84
C VAL E 83 -28.55 -12.72 36.87
N GLU E 84 -27.83 -13.57 36.14
CA GLU E 84 -28.04 -15.01 36.16
C GLU E 84 -26.88 -15.68 36.88
N ALA E 85 -27.03 -16.98 37.11
CA ALA E 85 -26.04 -17.74 37.86
C ALA E 85 -24.78 -18.01 37.06
N GLU E 86 -24.61 -17.39 35.89
CA GLU E 86 -23.45 -17.63 35.04
C GLU E 86 -22.69 -16.36 34.69
N ASP E 87 -23.09 -15.20 35.19
CA ASP E 87 -22.38 -13.96 34.93
C ASP E 87 -21.31 -13.65 35.96
N VAL E 88 -21.07 -14.55 36.91
CA VAL E 88 -20.05 -14.32 37.91
C VAL E 88 -18.67 -14.32 37.24
N GLY E 89 -17.77 -13.54 37.79
CA GLY E 89 -16.46 -13.31 37.21
C GLY E 89 -16.12 -11.84 37.20
N VAL E 90 -14.94 -11.56 36.70
CA VAL E 90 -14.41 -10.20 36.73
C VAL E 90 -14.79 -9.49 35.43
N TYR E 91 -15.04 -8.19 35.53
CA TYR E 91 -15.36 -7.35 34.39
C TYR E 91 -14.32 -6.25 34.29
N TYR E 92 -13.77 -6.06 33.10
CA TYR E 92 -12.75 -5.04 32.86
C TYR E 92 -13.26 -4.03 31.85
N CYS E 93 -13.17 -2.74 32.19
CA CYS E 93 -13.25 -1.74 31.15
C CYS E 93 -11.89 -1.56 30.50
N MET E 94 -11.91 -0.95 29.33
CA MET E 94 -10.68 -0.74 28.57
C MET E 94 -10.86 0.45 27.65
N GLN E 95 -9.85 1.31 27.60
CA GLN E 95 -9.81 2.36 26.59
C GLN E 95 -9.13 1.81 25.35
N ALA E 96 -9.79 1.94 24.20
CA ALA E 96 -9.26 1.50 22.92
C ALA E 96 -8.95 2.69 22.03
N LEU E 97 -8.48 3.78 22.63
CA LEU E 97 -8.26 5.03 21.93
C LEU E 97 -6.80 5.31 21.62
N GLN E 98 -5.89 4.94 22.52
CA GLN E 98 -4.47 5.24 22.36
C GLN E 98 -3.67 3.95 22.51
N THR E 99 -2.48 3.94 21.90
CA THR E 99 -1.77 2.68 21.69
C THR E 99 -1.32 1.98 22.97
N PRO E 100 -1.07 2.64 24.12
CA PRO E 100 -0.98 1.86 25.36
C PRO E 100 -2.37 1.53 25.87
N GLY E 101 -2.79 0.28 25.73
CA GLY E 101 -4.14 -0.10 26.09
C GLY E 101 -4.27 -0.44 27.55
N THR E 102 -4.87 0.47 28.33
CA THR E 102 -5.00 0.28 29.76
C THR E 102 -6.38 -0.31 30.09
N PHE E 103 -6.39 -1.35 30.91
CA PHE E 103 -7.62 -1.92 31.44
C PHE E 103 -7.95 -1.25 32.77
N GLY E 104 -9.05 -1.69 33.39
CA GLY E 104 -9.36 -1.35 34.75
C GLY E 104 -8.73 -2.33 35.72
N GLN E 105 -9.12 -2.22 36.99
CA GLN E 105 -8.68 -3.19 37.98
C GLN E 105 -9.56 -4.43 38.00
N GLY E 106 -10.85 -4.28 37.70
CA GLY E 106 -11.70 -5.44 37.53
C GLY E 106 -12.75 -5.62 38.60
N THR E 107 -13.99 -5.27 38.29
CA THR E 107 -15.11 -5.49 39.20
C THR E 107 -15.42 -6.98 39.26
N ARG E 108 -15.12 -7.60 40.40
CA ARG E 108 -15.43 -9.02 40.59
C ARG E 108 -16.90 -9.15 40.97
N LEU E 109 -17.65 -9.91 40.18
CA LEU E 109 -19.07 -10.10 40.44
C LEU E 109 -19.29 -11.49 41.03
N GLU E 110 -20.17 -11.56 42.02
CA GLU E 110 -20.38 -12.79 42.78
C GLU E 110 -21.88 -12.94 43.05
N ILE E 111 -22.22 -13.90 43.89
CA ILE E 111 -23.60 -14.20 44.25
C ILE E 111 -23.78 -13.98 45.74
N LYS E 112 -24.81 -13.22 46.10
CA LYS E 112 -25.14 -13.02 47.51
C LYS E 112 -25.66 -14.29 48.15
N GLU F 1 -36.33 0.79 11.66
CA GLU F 1 -35.18 1.44 11.07
C GLU F 1 -34.94 0.94 9.66
N VAL F 2 -34.57 -0.32 9.54
CA VAL F 2 -34.25 -0.94 8.26
C VAL F 2 -35.45 -1.77 7.83
N GLN F 3 -36.06 -1.38 6.70
CA GLN F 3 -37.33 -1.96 6.28
C GLN F 3 -37.39 -2.02 4.77
N LEU F 4 -38.00 -3.10 4.26
CA LEU F 4 -38.40 -3.19 2.87
C LEU F 4 -39.92 -3.37 2.82
N VAL F 5 -40.59 -2.53 2.06
CA VAL F 5 -42.04 -2.59 1.89
C VAL F 5 -42.32 -2.88 0.41
N GLU F 6 -43.17 -3.87 0.16
CA GLU F 6 -43.50 -4.29 -1.19
C GLU F 6 -44.96 -4.02 -1.49
N SER F 7 -45.24 -3.76 -2.76
CA SER F 7 -46.60 -3.45 -3.19
C SER F 7 -46.70 -3.66 -4.69
N GLY F 8 -47.93 -3.90 -5.16
CA GLY F 8 -48.22 -3.99 -6.57
C GLY F 8 -48.74 -5.33 -7.04
N GLY F 9 -48.79 -6.35 -6.19
CA GLY F 9 -49.33 -7.62 -6.61
C GLY F 9 -50.84 -7.60 -6.69
N GLY F 10 -51.39 -8.63 -7.33
CA GLY F 10 -52.81 -8.74 -7.46
C GLY F 10 -53.19 -9.89 -8.37
N LEU F 11 -54.47 -9.92 -8.74
CA LEU F 11 -54.97 -10.91 -9.68
C LEU F 11 -54.61 -10.51 -11.10
N ILE F 12 -54.21 -11.48 -11.91
CA ILE F 12 -53.80 -11.22 -13.28
C ILE F 12 -54.03 -12.47 -14.12
N GLN F 13 -54.46 -12.26 -15.36
CA GLN F 13 -54.76 -13.36 -16.28
C GLN F 13 -53.48 -13.91 -16.89
N PRO F 14 -53.48 -15.19 -17.27
CA PRO F 14 -52.27 -15.78 -17.86
C PRO F 14 -51.84 -15.06 -19.11
N GLY F 15 -50.53 -14.99 -19.32
CA GLY F 15 -49.95 -14.23 -20.40
C GLY F 15 -49.79 -12.75 -20.13
N GLY F 16 -50.55 -12.20 -19.19
CA GLY F 16 -50.48 -10.78 -18.90
C GLY F 16 -49.22 -10.42 -18.15
N SER F 17 -49.10 -9.13 -17.84
CA SER F 17 -47.94 -8.57 -17.19
C SER F 17 -48.33 -7.93 -15.87
N LEU F 18 -47.32 -7.61 -15.07
CA LEU F 18 -47.49 -6.99 -13.77
C LEU F 18 -46.11 -6.58 -13.26
N ARG F 19 -46.05 -5.46 -12.55
CA ARG F 19 -44.81 -4.99 -11.95
C ARG F 19 -44.94 -4.94 -10.44
N LEU F 20 -43.89 -5.37 -9.76
CA LEU F 20 -43.82 -5.38 -8.30
C LEU F 20 -42.85 -4.31 -7.82
N SER F 21 -43.14 -3.74 -6.67
CA SER F 21 -42.32 -2.68 -6.09
C SER F 21 -41.70 -3.15 -4.78
N CYS F 22 -40.62 -2.48 -4.39
CA CYS F 22 -39.91 -2.78 -3.15
C CYS F 22 -39.32 -1.46 -2.65
N ALA F 23 -40.02 -0.79 -1.76
CA ALA F 23 -39.57 0.49 -1.22
C ALA F 23 -38.64 0.24 -0.05
N ALA F 24 -37.41 0.71 -0.16
CA ALA F 24 -36.38 0.47 0.84
C ALA F 24 -36.09 1.76 1.60
N SER F 25 -36.26 1.72 2.92
CA SER F 25 -35.85 2.80 3.80
C SER F 25 -34.65 2.34 4.61
N GLY F 26 -33.60 3.16 4.62
CA GLY F 26 -32.38 2.78 5.30
C GLY F 26 -31.36 2.13 4.39
N ILE F 27 -31.78 1.06 3.70
CA ILE F 27 -30.91 0.38 2.75
C ILE F 27 -30.93 1.11 1.41
N ILE F 28 -29.74 1.46 0.92
CA ILE F 28 -29.62 1.96 -0.44
C ILE F 28 -29.78 0.78 -1.39
N VAL F 29 -30.78 0.86 -2.27
CA VAL F 29 -30.99 -0.21 -3.24
C VAL F 29 -29.85 -0.23 -4.26
N SER F 30 -29.37 0.94 -4.65
CA SER F 30 -28.34 1.05 -5.68
C SER F 30 -26.95 0.66 -5.18
N SER F 31 -26.85 0.07 -3.98
CA SER F 31 -25.57 -0.32 -3.42
C SER F 31 -25.58 -1.73 -2.82
N ASN F 32 -26.59 -2.53 -3.12
CA ASN F 32 -26.78 -3.80 -2.45
C ASN F 32 -27.16 -4.87 -3.46
N TYR F 33 -26.91 -6.13 -3.08
CA TYR F 33 -27.43 -7.28 -3.82
C TYR F 33 -28.89 -7.44 -3.44
N MET F 34 -29.79 -6.99 -4.29
CA MET F 34 -31.22 -7.07 -4.02
C MET F 34 -31.83 -8.20 -4.82
N THR F 35 -32.55 -9.08 -4.15
CA THR F 35 -33.09 -10.29 -4.74
C THR F 35 -34.61 -10.25 -4.72
N TRP F 36 -35.21 -11.17 -5.47
CA TRP F 36 -36.62 -11.49 -5.35
C TRP F 36 -36.75 -12.98 -5.11
N VAL F 37 -37.51 -13.36 -4.09
CA VAL F 37 -37.71 -14.74 -3.70
C VAL F 37 -39.20 -14.99 -3.61
N ARG F 38 -39.65 -16.11 -4.15
CA ARG F 38 -41.07 -16.44 -4.20
C ARG F 38 -41.34 -17.73 -3.47
N GLN F 39 -42.58 -17.87 -2.99
CA GLN F 39 -43.00 -19.06 -2.25
C GLN F 39 -44.43 -19.39 -2.63
N ALA F 40 -44.62 -20.49 -3.35
CA ALA F 40 -45.94 -20.91 -3.77
C ALA F 40 -46.79 -21.31 -2.57
N PRO F 41 -48.12 -21.25 -2.70
CA PRO F 41 -48.99 -21.67 -1.59
C PRO F 41 -48.71 -23.11 -1.16
N GLY F 42 -48.24 -23.29 0.07
CA GLY F 42 -47.98 -24.61 0.59
C GLY F 42 -46.70 -25.26 0.13
N LYS F 43 -45.78 -24.47 -0.45
CA LYS F 43 -44.52 -24.98 -0.97
C LYS F 43 -43.38 -24.14 -0.40
N GLY F 44 -42.15 -24.50 -0.78
CA GLY F 44 -40.97 -23.88 -0.23
C GLY F 44 -40.54 -22.61 -0.97
N LEU F 45 -39.51 -21.97 -0.42
CA LEU F 45 -38.94 -20.78 -1.03
C LEU F 45 -38.26 -21.12 -2.35
N GLU F 46 -38.12 -20.12 -3.20
CA GLU F 46 -37.48 -20.30 -4.51
C GLU F 46 -36.93 -18.97 -4.99
N TRP F 47 -35.62 -18.90 -5.18
CA TRP F 47 -35.00 -17.67 -5.67
C TRP F 47 -35.40 -17.39 -7.11
N VAL F 48 -35.72 -16.13 -7.40
CA VAL F 48 -36.27 -15.72 -8.68
C VAL F 48 -35.30 -14.83 -9.46
N SER F 49 -34.86 -13.73 -8.86
CA SER F 49 -33.98 -12.81 -9.56
C SER F 49 -33.08 -12.10 -8.56
N VAL F 50 -31.98 -11.57 -9.07
CA VAL F 50 -31.05 -10.79 -8.26
C VAL F 50 -30.43 -9.74 -9.17
N ILE F 51 -30.26 -8.52 -8.65
CA ILE F 51 -29.56 -7.46 -9.35
C ILE F 51 -28.38 -7.04 -8.48
N TYR F 52 -27.20 -7.00 -9.07
CA TYR F 52 -26.02 -6.63 -8.32
C TYR F 52 -26.00 -5.11 -8.11
N SER F 53 -25.06 -4.66 -7.28
CA SER F 53 -24.89 -3.22 -7.11
C SER F 53 -24.38 -2.57 -8.38
N GLY F 54 -23.50 -3.25 -9.11
CA GLY F 54 -22.91 -2.68 -10.31
C GLY F 54 -23.84 -2.64 -11.50
N GLY F 55 -24.92 -3.42 -11.48
CA GLY F 55 -25.87 -3.39 -12.58
C GLY F 55 -26.16 -4.75 -13.19
N SER F 56 -25.37 -5.75 -12.85
CA SER F 56 -25.61 -7.09 -13.34
C SER F 56 -26.89 -7.66 -12.74
N THR F 57 -27.62 -8.43 -13.54
CA THR F 57 -28.81 -9.13 -13.09
C THR F 57 -28.70 -10.60 -13.49
N PHE F 58 -29.43 -11.45 -12.74
CA PHE F 58 -29.43 -12.87 -13.00
C PHE F 58 -30.83 -13.40 -12.69
N TYR F 59 -31.16 -14.54 -13.29
CA TYR F 59 -32.52 -15.05 -13.22
C TYR F 59 -32.51 -16.56 -13.04
N ALA F 60 -33.53 -17.07 -12.36
CA ALA F 60 -33.74 -18.51 -12.29
C ALA F 60 -34.18 -19.03 -13.65
N ASP F 61 -33.78 -20.27 -13.94
CA ASP F 61 -34.08 -20.86 -15.24
C ASP F 61 -35.59 -21.03 -15.44
N SER F 62 -36.34 -21.17 -14.36
CA SER F 62 -37.80 -21.21 -14.43
C SER F 62 -38.40 -19.84 -14.71
N VAL F 63 -37.57 -18.80 -14.75
CA VAL F 63 -38.04 -17.42 -14.88
C VAL F 63 -37.40 -16.68 -16.04
N LYS F 64 -36.25 -17.13 -16.56
CA LYS F 64 -35.53 -16.38 -17.59
C LYS F 64 -36.40 -16.13 -18.81
N GLY F 65 -36.20 -14.98 -19.43
CA GLY F 65 -36.96 -14.60 -20.60
C GLY F 65 -38.37 -14.15 -20.33
N ARG F 66 -38.81 -14.12 -19.07
CA ARG F 66 -40.11 -13.56 -18.73
C ARG F 66 -40.00 -12.37 -17.78
N PHE F 67 -39.32 -12.53 -16.65
CA PHE F 67 -39.25 -11.47 -15.65
C PHE F 67 -38.02 -10.61 -15.87
N THR F 68 -38.12 -9.35 -15.45
CA THR F 68 -37.01 -8.42 -15.54
C THR F 68 -36.94 -7.63 -14.25
N ILE F 69 -35.76 -7.59 -13.64
CA ILE F 69 -35.53 -6.88 -12.39
C ILE F 69 -34.88 -5.53 -12.69
N SER F 70 -35.26 -4.51 -11.94
CA SER F 70 -34.75 -3.17 -12.18
C SER F 70 -34.92 -2.34 -10.91
N ARG F 71 -34.15 -1.26 -10.83
CA ARG F 71 -34.14 -0.40 -9.66
C ARG F 71 -34.20 1.06 -10.06
N ASP F 72 -34.85 1.86 -9.21
CA ASP F 72 -34.91 3.31 -9.36
C ASP F 72 -34.05 3.91 -8.26
N LYS F 73 -32.89 4.45 -8.62
CA LYS F 73 -31.96 4.97 -7.64
C LYS F 73 -32.51 6.20 -6.92
N SER F 74 -33.36 6.97 -7.58
CA SER F 74 -33.89 8.20 -6.97
C SER F 74 -34.83 7.89 -5.81
N LYS F 75 -35.79 6.99 -6.03
CA LYS F 75 -36.77 6.65 -5.03
C LYS F 75 -36.31 5.53 -4.10
N ASN F 76 -35.13 4.95 -4.33
CA ASN F 76 -34.62 3.83 -3.54
C ASN F 76 -35.62 2.68 -3.57
N THR F 77 -35.89 2.19 -4.78
CA THR F 77 -36.94 1.22 -5.00
C THR F 77 -36.42 0.13 -5.93
N LEU F 78 -37.02 -1.05 -5.82
CA LEU F 78 -36.66 -2.19 -6.66
C LEU F 78 -37.91 -2.69 -7.36
N TYR F 79 -37.75 -3.02 -8.64
CA TYR F 79 -38.85 -3.53 -9.46
C TYR F 79 -38.54 -4.92 -9.97
N LEU F 80 -39.60 -5.70 -10.18
CA LEU F 80 -39.51 -6.98 -10.87
C LEU F 80 -40.61 -6.99 -11.92
N GLN F 81 -40.23 -6.77 -13.17
CA GLN F 81 -41.19 -6.64 -14.27
C GLN F 81 -41.56 -8.04 -14.73
N MET F 82 -42.76 -8.48 -14.37
CA MET F 82 -43.25 -9.80 -14.73
C MET F 82 -44.00 -9.76 -16.05
N SER F 83 -43.86 -10.83 -16.84
CA SER F 83 -44.49 -10.88 -18.16
C SER F 83 -44.78 -12.32 -18.53
N SER F 84 -45.85 -12.51 -19.31
CA SER F 84 -46.28 -13.83 -19.77
C SER F 84 -46.50 -14.79 -18.61
N LEU F 85 -47.15 -14.30 -17.56
CA LEU F 85 -47.31 -15.06 -16.33
C LEU F 85 -48.14 -16.32 -16.57
N ARG F 86 -47.51 -17.48 -16.39
CA ARG F 86 -48.21 -18.74 -16.45
C ARG F 86 -48.91 -19.00 -15.12
N ALA F 87 -49.58 -20.15 -15.02
CA ALA F 87 -50.26 -20.51 -13.79
C ALA F 87 -49.29 -20.96 -12.71
N GLU F 88 -48.02 -21.20 -13.05
CA GLU F 88 -47.01 -21.60 -12.09
C GLU F 88 -46.34 -20.40 -11.42
N ASP F 89 -46.77 -19.19 -11.73
CA ASP F 89 -46.26 -17.97 -11.13
C ASP F 89 -47.11 -17.50 -9.96
N THR F 90 -48.12 -18.28 -9.56
CA THR F 90 -48.96 -17.93 -8.43
C THR F 90 -48.20 -18.16 -7.14
N ALA F 91 -47.46 -17.15 -6.69
CA ALA F 91 -46.63 -17.30 -5.50
C ALA F 91 -46.52 -15.96 -4.79
N VAL F 92 -46.14 -16.01 -3.52
CA VAL F 92 -45.91 -14.82 -2.72
C VAL F 92 -44.44 -14.44 -2.88
N TYR F 93 -44.19 -13.21 -3.32
CA TYR F 93 -42.85 -12.74 -3.61
C TYR F 93 -42.34 -11.87 -2.47
N TYR F 94 -41.07 -12.09 -2.10
CA TYR F 94 -40.36 -11.25 -1.13
C TYR F 94 -39.15 -10.65 -1.82
N CYS F 95 -38.93 -9.36 -1.62
CA CYS F 95 -37.66 -8.75 -2.01
C CYS F 95 -36.74 -8.80 -0.80
N ALA F 96 -35.67 -9.58 -0.92
CA ALA F 96 -34.70 -9.69 0.15
C ALA F 96 -33.50 -8.78 -0.15
N ARG F 97 -32.55 -8.74 0.79
CA ARG F 97 -31.25 -8.15 0.55
C ARG F 97 -30.21 -9.21 0.86
N ASP F 98 -29.36 -9.50 -0.11
CA ASP F 98 -28.38 -10.57 0.00
C ASP F 98 -27.02 -9.99 0.32
N LEU F 99 -26.26 -10.70 1.14
CA LEU F 99 -24.95 -10.23 1.56
C LEU F 99 -23.82 -11.21 1.24
N GLY F 100 -24.12 -12.34 0.61
CA GLY F 100 -23.10 -13.27 0.20
C GLY F 100 -22.76 -14.29 1.27
N PRO F 101 -21.57 -14.20 1.84
CA PRO F 101 -21.23 -15.05 3.00
C PRO F 101 -22.18 -14.85 4.15
N TYR F 102 -22.72 -13.64 4.29
CA TYR F 102 -23.80 -13.38 5.22
C TYR F 102 -25.10 -13.66 4.50
N GLY F 103 -26.10 -14.14 5.23
CA GLY F 103 -27.31 -14.58 4.56
C GLY F 103 -28.14 -13.45 3.98
N MET F 104 -29.41 -13.73 3.69
CA MET F 104 -30.36 -12.68 3.34
C MET F 104 -30.99 -12.21 4.65
N ASP F 105 -30.49 -11.10 5.18
CA ASP F 105 -30.84 -10.70 6.53
C ASP F 105 -32.15 -9.94 6.63
N VAL F 106 -32.41 -9.00 5.72
CA VAL F 106 -33.66 -8.24 5.76
C VAL F 106 -34.58 -8.74 4.66
N TRP F 107 -35.88 -8.69 4.92
CA TRP F 107 -36.88 -9.20 4.01
C TRP F 107 -38.09 -8.27 4.01
N GLY F 108 -38.79 -8.23 2.88
CA GLY F 108 -40.06 -7.55 2.83
C GLY F 108 -41.18 -8.42 3.36
N GLN F 109 -42.35 -7.81 3.57
CA GLN F 109 -43.46 -8.58 4.13
C GLN F 109 -44.06 -9.55 3.12
N GLY F 110 -43.95 -9.26 1.84
CA GLY F 110 -44.46 -10.16 0.82
C GLY F 110 -45.66 -9.58 0.09
N THR F 111 -45.73 -9.86 -1.21
CA THR F 111 -46.88 -9.53 -2.04
C THR F 111 -47.39 -10.80 -2.69
N THR F 112 -48.69 -11.02 -2.63
CA THR F 112 -49.30 -12.24 -3.13
C THR F 112 -49.84 -11.99 -4.55
N VAL F 113 -49.37 -12.79 -5.50
CA VAL F 113 -49.72 -12.64 -6.91
C VAL F 113 -50.55 -13.84 -7.32
N THR F 114 -51.77 -13.59 -7.78
CA THR F 114 -52.71 -14.62 -8.17
C THR F 114 -52.81 -14.69 -9.69
N VAL F 115 -53.10 -15.88 -10.20
CA VAL F 115 -53.29 -16.11 -11.62
C VAL F 115 -54.62 -16.82 -11.83
N SER F 116 -55.48 -16.23 -12.67
CA SER F 116 -56.77 -16.81 -12.98
C SER F 116 -57.35 -16.18 -14.24
N ILE G 2 -25.46 -28.88 -6.98
CA ILE G 2 -25.75 -28.98 -5.55
C ILE G 2 -27.25 -29.11 -5.32
N GLN G 3 -27.68 -30.27 -4.86
CA GLN G 3 -29.07 -30.52 -4.49
C GLN G 3 -29.11 -30.64 -2.97
N LEU G 4 -29.61 -29.59 -2.32
CA LEU G 4 -29.67 -29.56 -0.87
C LEU G 4 -30.87 -30.36 -0.37
N THR G 5 -30.64 -31.26 0.57
CA THR G 5 -31.68 -32.10 1.14
C THR G 5 -31.72 -31.92 2.65
N GLN G 6 -32.90 -31.62 3.17
CA GLN G 6 -33.10 -31.50 4.62
C GLN G 6 -33.82 -32.74 5.14
N SER G 7 -33.59 -33.05 6.41
CA SER G 7 -34.24 -34.18 7.05
C SER G 7 -34.26 -33.96 8.54
N PRO G 8 -35.36 -34.26 9.24
CA PRO G 8 -36.60 -34.78 8.67
C PRO G 8 -37.47 -33.68 8.06
N SER G 9 -38.47 -34.04 7.27
CA SER G 9 -39.38 -33.05 6.71
C SER G 9 -40.47 -32.64 7.69
N PHE G 10 -40.99 -33.60 8.46
CA PHE G 10 -41.97 -33.33 9.50
C PHE G 10 -41.41 -33.77 10.84
N LEU G 11 -41.67 -32.99 11.88
CA LEU G 11 -41.09 -33.26 13.19
C LEU G 11 -42.05 -32.84 14.27
N SER G 12 -41.92 -33.46 15.45
CA SER G 12 -42.72 -33.12 16.60
C SER G 12 -41.89 -33.33 17.86
N ALA G 13 -41.97 -32.37 18.78
CA ALA G 13 -41.26 -32.47 20.04
C ALA G 13 -41.98 -31.63 21.08
N SER G 14 -41.71 -31.93 22.35
CA SER G 14 -42.29 -31.18 23.44
C SER G 14 -41.43 -29.97 23.77
N VAL G 15 -42.04 -29.01 24.48
CA VAL G 15 -41.30 -27.84 24.92
C VAL G 15 -40.18 -28.25 25.86
N GLY G 16 -39.00 -27.68 25.64
CA GLY G 16 -37.82 -28.04 26.42
C GLY G 16 -36.98 -29.13 25.81
N ASP G 17 -37.47 -29.83 24.80
CA ASP G 17 -36.69 -30.88 24.16
C ASP G 17 -35.56 -30.28 23.33
N ARG G 18 -34.49 -31.05 23.20
CA ARG G 18 -33.34 -30.64 22.40
C ARG G 18 -33.53 -31.14 20.97
N VAL G 19 -33.62 -30.23 20.02
CA VAL G 19 -33.99 -30.52 18.65
C VAL G 19 -32.77 -30.33 17.75
N THR G 20 -32.49 -31.32 16.91
CA THR G 20 -31.40 -31.26 15.94
C THR G 20 -31.97 -31.44 14.54
N ILE G 21 -31.71 -30.47 13.68
CA ILE G 21 -32.18 -30.47 12.29
C ILE G 21 -30.95 -30.50 11.40
N THR G 22 -30.94 -31.43 10.43
CA THR G 22 -29.80 -31.60 9.54
C THR G 22 -30.21 -31.30 8.10
N CYS G 23 -29.35 -30.56 7.41
CA CYS G 23 -29.46 -30.31 5.98
C CYS G 23 -28.22 -30.89 5.31
N ARG G 24 -28.42 -31.73 4.31
CA ARG G 24 -27.34 -32.49 3.70
C ARG G 24 -27.02 -31.92 2.33
N ALA G 25 -25.73 -31.71 2.07
CA ALA G 25 -25.25 -31.11 0.83
C ALA G 25 -24.72 -32.19 -0.10
N SER G 26 -25.11 -32.12 -1.37
CA SER G 26 -24.80 -33.19 -2.30
C SER G 26 -23.30 -33.38 -2.49
N GLN G 27 -22.55 -32.29 -2.64
CA GLN G 27 -21.12 -32.37 -2.97
C GLN G 27 -20.20 -31.86 -1.88
N GLY G 28 -20.59 -30.83 -1.14
CA GLY G 28 -19.69 -30.25 -0.16
C GLY G 28 -19.36 -28.80 -0.39
N ILE G 29 -19.88 -27.95 0.50
CA ILE G 29 -19.79 -26.50 0.34
C ILE G 29 -18.92 -25.84 1.40
N SER G 30 -18.61 -26.55 2.48
CA SER G 30 -17.56 -26.29 3.46
C SER G 30 -17.78 -25.20 4.50
N SER G 31 -18.63 -24.21 4.25
CA SER G 31 -19.30 -23.50 5.34
C SER G 31 -20.55 -22.82 4.82
N ASP G 32 -20.78 -22.90 3.51
CA ASP G 32 -21.64 -21.94 2.83
C ASP G 32 -23.11 -22.31 2.99
N LEU G 33 -23.55 -22.35 4.25
CA LEU G 33 -24.94 -22.65 4.54
C LEU G 33 -25.48 -21.57 5.46
N ALA G 34 -26.78 -21.31 5.34
CA ALA G 34 -27.47 -20.35 6.20
C ALA G 34 -28.83 -20.94 6.56
N TRP G 35 -29.30 -20.61 7.76
CA TRP G 35 -30.52 -21.18 8.31
C TRP G 35 -31.56 -20.10 8.49
N TYR G 36 -32.74 -20.31 7.93
CA TYR G 36 -33.84 -19.36 8.01
C TYR G 36 -35.00 -19.98 8.75
N GLN G 37 -35.76 -19.14 9.44
CA GLN G 37 -36.99 -19.53 10.09
C GLN G 37 -38.14 -18.74 9.47
N GLN G 38 -39.26 -19.42 9.22
CA GLN G 38 -40.43 -18.76 8.64
C GLN G 38 -41.67 -19.18 9.41
N LYS G 39 -42.30 -18.23 10.08
CA LYS G 39 -43.57 -18.48 10.72
C LYS G 39 -44.65 -18.68 9.66
N PRO G 40 -45.75 -19.37 10.01
CA PRO G 40 -46.84 -19.54 9.04
C PRO G 40 -47.45 -18.20 8.66
N GLY G 41 -47.33 -17.84 7.38
CA GLY G 41 -47.87 -16.59 6.89
C GLY G 41 -47.00 -15.37 7.11
N LYS G 42 -45.73 -15.54 7.47
CA LYS G 42 -44.83 -14.44 7.76
C LYS G 42 -43.64 -14.48 6.79
N ALA G 43 -42.68 -13.58 7.02
CA ALA G 43 -41.45 -13.50 6.24
C ALA G 43 -40.36 -14.36 6.87
N PRO G 44 -39.48 -14.94 6.06
CA PRO G 44 -38.37 -15.71 6.62
C PRO G 44 -37.47 -14.84 7.49
N ASN G 45 -36.98 -15.43 8.57
CA ASN G 45 -36.02 -14.79 9.48
C ASN G 45 -34.70 -15.52 9.37
N LEU G 46 -33.63 -14.79 9.07
CA LEU G 46 -32.32 -15.39 9.09
C LEU G 46 -31.93 -15.74 10.52
N LEU G 47 -31.38 -16.93 10.72
CA LEU G 47 -30.94 -17.37 12.04
C LEU G 47 -29.43 -17.47 12.13
N ILE G 48 -28.80 -18.24 11.25
CA ILE G 48 -27.39 -18.60 11.39
C ILE G 48 -26.74 -18.51 10.01
N TYR G 49 -25.92 -17.49 9.80
CA TYR G 49 -25.15 -17.40 8.58
C TYR G 49 -23.77 -18.02 8.78
N ALA G 50 -23.16 -18.45 7.69
CA ALA G 50 -21.86 -19.13 7.67
C ALA G 50 -21.91 -20.47 8.40
N ALA G 51 -23.11 -21.02 8.59
CA ALA G 51 -23.36 -22.37 9.10
C ALA G 51 -23.07 -22.53 10.58
N SER G 52 -22.46 -21.53 11.22
CA SER G 52 -22.27 -21.57 12.66
C SER G 52 -22.50 -20.24 13.37
N THR G 53 -22.53 -19.13 12.66
CA THR G 53 -22.54 -17.81 13.28
C THR G 53 -23.97 -17.30 13.42
N LEU G 54 -24.34 -16.92 14.65
CA LEU G 54 -25.68 -16.42 14.90
C LEU G 54 -25.85 -15.02 14.35
N GLN G 55 -26.93 -14.80 13.61
CA GLN G 55 -27.30 -13.45 13.21
C GLN G 55 -27.77 -12.68 14.43
N SER G 56 -27.41 -11.40 14.48
CA SER G 56 -27.74 -10.56 15.63
C SER G 56 -29.25 -10.50 15.86
N GLY G 57 -29.65 -10.60 17.12
CA GLY G 57 -31.05 -10.58 17.49
C GLY G 57 -31.68 -11.94 17.67
N VAL G 58 -31.01 -13.00 17.22
CA VAL G 58 -31.52 -14.36 17.36
C VAL G 58 -31.10 -14.87 18.74
N PRO G 59 -32.00 -15.52 19.49
CA PRO G 59 -31.63 -15.99 20.83
C PRO G 59 -30.48 -16.98 20.78
N SER G 60 -29.70 -17.00 21.86
CA SER G 60 -28.51 -17.84 21.94
C SER G 60 -28.83 -19.31 22.20
N ARG G 61 -30.08 -19.72 22.06
CA ARG G 61 -30.44 -21.12 22.13
C ARG G 61 -30.41 -21.81 20.77
N PHE G 62 -30.02 -21.07 19.72
CA PHE G 62 -29.86 -21.63 18.39
C PHE G 62 -28.38 -21.82 18.13
N SER G 63 -27.99 -23.05 17.77
CA SER G 63 -26.62 -23.33 17.44
C SER G 63 -26.56 -24.07 16.12
N GLY G 64 -25.59 -23.70 15.28
CA GLY G 64 -25.36 -24.37 14.02
C GLY G 64 -24.03 -25.10 14.09
N SER G 65 -23.93 -26.20 13.35
CA SER G 65 -22.71 -26.99 13.36
C SER G 65 -22.56 -27.67 12.01
N GLY G 66 -21.34 -28.10 11.74
CA GLY G 66 -21.03 -28.86 10.54
C GLY G 66 -20.15 -28.07 9.58
N SER G 67 -19.62 -28.81 8.61
CA SER G 67 -18.74 -28.25 7.59
C SER G 67 -18.58 -29.24 6.46
N GLY G 68 -18.77 -28.78 5.22
CA GLY G 68 -18.64 -29.65 4.08
C GLY G 68 -19.95 -30.23 3.60
N THR G 69 -20.23 -31.47 3.99
CA THR G 69 -21.40 -32.19 3.51
C THR G 69 -22.57 -32.18 4.49
N ASP G 70 -22.32 -32.19 5.80
CA ASP G 70 -23.38 -32.31 6.80
C ASP G 70 -23.39 -31.06 7.68
N PHE G 71 -24.58 -30.47 7.82
CA PHE G 71 -24.77 -29.31 8.66
C PHE G 71 -25.95 -29.57 9.59
N THR G 72 -26.00 -28.86 10.71
CA THR G 72 -26.98 -29.15 11.75
C THR G 72 -27.47 -27.86 12.39
N LEU G 73 -28.80 -27.77 12.55
CA LEU G 73 -29.42 -26.68 13.30
C LEU G 73 -29.93 -27.24 14.62
N THR G 74 -29.36 -26.76 15.72
CA THR G 74 -29.67 -27.27 17.05
C THR G 74 -30.35 -26.20 17.88
N ILE G 75 -31.55 -26.49 18.36
CA ILE G 75 -32.25 -25.65 19.32
C ILE G 75 -32.01 -26.28 20.69
N SER G 76 -31.14 -25.66 21.48
CA SER G 76 -30.73 -26.24 22.75
C SER G 76 -31.86 -26.33 23.77
N SER G 77 -32.98 -25.65 23.53
CA SER G 77 -34.14 -25.79 24.40
C SER G 77 -35.37 -25.35 23.60
N LEU G 78 -36.26 -26.28 23.29
CA LEU G 78 -37.42 -25.96 22.49
C LEU G 78 -38.36 -25.03 23.25
N GLN G 79 -39.10 -24.22 22.50
CA GLN G 79 -39.98 -23.19 23.05
C GLN G 79 -41.36 -23.29 22.40
N PRO G 80 -42.40 -22.83 23.10
CA PRO G 80 -43.76 -22.94 22.54
C PRO G 80 -44.01 -21.98 21.39
N GLU G 81 -43.21 -20.93 21.22
CA GLU G 81 -43.31 -20.06 20.06
C GLU G 81 -42.37 -20.47 18.94
N ASP G 82 -41.53 -21.46 19.18
CA ASP G 82 -40.44 -21.80 18.28
C ASP G 82 -40.85 -22.79 17.20
N PHE G 83 -42.14 -22.86 16.89
CA PHE G 83 -42.65 -23.72 15.83
C PHE G 83 -42.75 -22.91 14.54
N ALA G 84 -42.12 -23.40 13.49
CA ALA G 84 -42.07 -22.72 12.20
C ALA G 84 -41.46 -23.70 11.20
N THR G 85 -41.24 -23.23 9.98
CA THR G 85 -40.55 -24.00 8.97
C THR G 85 -39.14 -23.45 8.82
N TYR G 86 -38.15 -24.33 8.82
CA TYR G 86 -36.74 -23.96 8.84
C TYR G 86 -36.09 -24.38 7.53
N TYR G 87 -35.35 -23.45 6.92
CA TYR G 87 -34.75 -23.66 5.60
C TYR G 87 -33.24 -23.50 5.67
N CYS G 88 -32.53 -24.33 4.94
CA CYS G 88 -31.11 -24.13 4.70
C CYS G 88 -30.92 -23.51 3.33
N GLN G 89 -29.89 -22.68 3.19
CA GLN G 89 -29.59 -22.06 1.91
C GLN G 89 -28.09 -22.14 1.66
N GLN G 90 -27.73 -22.42 0.41
CA GLN G 90 -26.32 -22.41 0.01
C GLN G 90 -25.91 -20.97 -0.24
N LEU G 91 -25.06 -20.44 0.63
CA LEU G 91 -24.53 -19.09 0.43
C LEU G 91 -23.40 -19.13 -0.58
N ASN G 92 -23.08 -17.94 -1.13
CA ASN G 92 -22.00 -17.78 -2.09
C ASN G 92 -22.18 -18.66 -3.32
N SER G 93 -23.43 -19.02 -3.62
CA SER G 93 -23.77 -19.77 -4.81
C SER G 93 -24.56 -18.87 -5.76
N ASP G 94 -24.70 -19.33 -7.00
CA ASP G 94 -25.38 -18.55 -8.02
C ASP G 94 -26.78 -19.05 -8.37
N LEU G 95 -27.16 -20.23 -7.88
CA LEU G 95 -28.55 -20.67 -7.96
C LEU G 95 -29.35 -20.34 -6.72
N TYR G 96 -28.71 -19.89 -5.64
CA TYR G 96 -29.36 -19.61 -4.36
C TYR G 96 -30.24 -20.78 -3.93
N THR G 97 -29.58 -21.92 -3.72
CA THR G 97 -30.29 -23.18 -3.54
C THR G 97 -30.84 -23.26 -2.12
N PHE G 98 -32.16 -23.25 -2.01
CA PHE G 98 -32.82 -23.49 -0.73
C PHE G 98 -33.03 -24.99 -0.53
N GLY G 99 -33.42 -25.36 0.69
CA GLY G 99 -33.90 -26.70 0.96
C GLY G 99 -35.41 -26.76 0.87
N GLN G 100 -35.93 -27.98 1.01
CA GLN G 100 -37.38 -28.14 0.99
C GLN G 100 -38.02 -27.60 2.27
N GLY G 101 -37.34 -27.72 3.41
CA GLY G 101 -37.81 -27.12 4.63
C GLY G 101 -38.40 -28.09 5.64
N THR G 102 -37.91 -28.02 6.88
CA THR G 102 -38.42 -28.85 7.97
C THR G 102 -39.50 -28.08 8.71
N LYS G 103 -40.70 -28.66 8.78
CA LYS G 103 -41.82 -28.04 9.50
C LYS G 103 -41.76 -28.54 10.95
N LEU G 104 -40.99 -27.84 11.77
CA LEU G 104 -40.89 -28.20 13.18
C LEU G 104 -42.19 -27.84 13.89
N GLU G 105 -42.69 -28.77 14.70
CA GLU G 105 -44.00 -28.62 15.33
C GLU G 105 -43.87 -28.90 16.82
N ILE G 106 -44.47 -28.02 17.64
CA ILE G 106 -44.47 -28.19 19.09
C ILE G 106 -45.55 -29.20 19.45
N LYS G 107 -45.14 -30.36 19.93
CA LYS G 107 -46.06 -31.44 20.28
C LYS G 107 -47.05 -31.01 21.37
N THR H 15 17.54 -14.62 -26.72
CA THR H 15 18.53 -15.63 -26.33
C THR H 15 17.90 -16.72 -25.49
N ASN H 16 17.26 -16.31 -24.39
CA ASN H 16 16.62 -17.24 -23.48
C ASN H 16 15.11 -17.05 -23.51
N LEU H 17 14.39 -18.07 -23.04
CA LEU H 17 12.94 -18.07 -23.05
C LEU H 17 12.38 -16.96 -22.17
N CYS H 18 11.19 -16.49 -22.53
CA CYS H 18 10.46 -15.58 -21.66
C CYS H 18 9.99 -16.34 -20.41
N PRO H 19 9.87 -15.64 -19.28
CA PRO H 19 9.56 -16.35 -18.02
C PRO H 19 8.16 -16.92 -17.97
N PHE H 20 7.95 -18.06 -18.63
CA PHE H 20 6.71 -18.83 -18.50
C PHE H 20 6.81 -19.95 -17.48
N GLY H 21 7.85 -19.96 -16.67
CA GLY H 21 7.92 -20.90 -15.56
C GLY H 21 7.74 -20.15 -14.26
N GLU H 22 7.99 -18.84 -14.30
CA GLU H 22 7.78 -18.01 -13.13
C GLU H 22 6.28 -17.81 -12.86
N VAL H 23 5.48 -17.72 -13.91
CA VAL H 23 4.04 -17.57 -13.74
C VAL H 23 3.36 -18.92 -13.53
N PHE H 24 3.67 -19.92 -14.36
CA PHE H 24 2.92 -21.17 -14.31
C PHE H 24 3.43 -22.12 -13.24
N ASN H 25 4.49 -21.79 -12.51
CA ASN H 25 5.05 -22.73 -11.55
C ASN H 25 5.41 -22.09 -10.22
N ALA H 26 4.99 -20.86 -9.98
CA ALA H 26 5.22 -20.24 -8.68
C ALA H 26 4.51 -21.02 -7.58
N THR H 27 5.18 -21.16 -6.44
CA THR H 27 4.57 -21.85 -5.31
C THR H 27 3.49 -21.02 -4.64
N ARG H 28 3.29 -19.78 -5.07
CA ARG H 28 2.43 -18.84 -4.36
C ARG H 28 1.81 -17.88 -5.36
N PHE H 29 0.52 -18.04 -5.65
CA PHE H 29 -0.19 -17.04 -6.43
C PHE H 29 -0.83 -15.98 -5.53
N ALA H 30 -1.53 -15.04 -6.16
CA ALA H 30 -2.17 -13.93 -5.51
C ALA H 30 -3.65 -14.21 -5.32
N SER H 31 -4.38 -13.21 -4.86
CA SER H 31 -5.83 -13.25 -4.76
C SER H 31 -6.42 -12.51 -5.94
N VAL H 32 -7.66 -12.86 -6.29
CA VAL H 32 -8.24 -12.32 -7.52
C VAL H 32 -8.42 -10.81 -7.42
N TYR H 33 -8.69 -10.27 -6.23
CA TYR H 33 -8.82 -8.83 -6.11
C TYR H 33 -7.48 -8.13 -6.34
N ALA H 34 -6.42 -8.64 -5.74
CA ALA H 34 -5.06 -8.13 -5.96
C ALA H 34 -4.30 -9.05 -6.91
N TRP H 35 -4.79 -9.14 -8.15
CA TRP H 35 -4.21 -10.08 -9.10
C TRP H 35 -2.85 -9.59 -9.57
N ASN H 36 -1.91 -10.52 -9.72
CA ASN H 36 -0.60 -10.18 -10.25
C ASN H 36 -0.72 -9.78 -11.72
N ARG H 37 0.29 -9.04 -12.19
CA ARG H 37 0.47 -8.83 -13.61
C ARG H 37 1.96 -8.71 -13.89
N LYS H 38 2.45 -9.53 -14.80
CA LYS H 38 3.83 -9.48 -15.26
C LYS H 38 3.86 -9.08 -16.72
N ARG H 39 4.56 -8.00 -17.03
CA ARG H 39 4.78 -7.61 -18.42
C ARG H 39 5.96 -8.39 -18.97
N ILE H 40 5.76 -9.00 -20.15
CA ILE H 40 6.78 -9.79 -20.81
C ILE H 40 7.16 -9.09 -22.11
N SER H 41 8.45 -8.85 -22.30
CA SER H 41 8.89 -8.05 -23.43
C SER H 41 10.32 -8.41 -23.79
N ASN H 42 10.66 -8.21 -25.07
CA ASN H 42 12.03 -8.30 -25.57
C ASN H 42 12.67 -9.65 -25.25
N CYS H 43 11.93 -10.72 -25.49
CA CYS H 43 12.48 -12.07 -25.34
C CYS H 43 11.83 -12.98 -26.37
N VAL H 44 12.07 -14.28 -26.23
CA VAL H 44 11.54 -15.30 -27.11
C VAL H 44 10.68 -16.26 -26.29
N ALA H 45 9.45 -16.50 -26.75
CA ALA H 45 8.46 -17.25 -25.99
C ALA H 45 8.31 -18.64 -26.56
N ASP H 46 8.51 -19.66 -25.72
CA ASP H 46 8.21 -21.04 -26.07
C ASP H 46 6.79 -21.35 -25.63
N TYR H 47 5.84 -21.07 -26.51
CA TYR H 47 4.44 -21.36 -26.22
C TYR H 47 4.15 -22.86 -26.21
N SER H 48 5.07 -23.69 -26.68
CA SER H 48 4.88 -25.13 -26.71
C SER H 48 4.96 -25.78 -25.34
N VAL H 49 5.39 -25.04 -24.32
CA VAL H 49 5.37 -25.58 -22.96
C VAL H 49 3.96 -25.52 -22.37
N LEU H 50 3.10 -24.66 -22.91
CA LEU H 50 1.74 -24.53 -22.42
C LEU H 50 0.77 -25.42 -23.19
N TYR H 51 0.69 -25.23 -24.51
CA TYR H 51 -0.32 -25.92 -25.31
C TYR H 51 -0.19 -27.44 -25.30
N ASN H 52 0.98 -27.96 -24.94
CA ASN H 52 1.17 -29.41 -24.89
C ASN H 52 1.53 -29.88 -23.49
N SER H 53 0.80 -29.39 -22.48
CA SER H 53 1.11 -29.71 -21.10
C SER H 53 0.19 -30.75 -20.48
N ALA H 54 -1.03 -30.91 -21.01
CA ALA H 54 -1.98 -31.94 -20.60
C ALA H 54 -2.33 -31.88 -19.12
N SER H 55 -2.21 -30.70 -18.50
CA SER H 55 -2.52 -30.54 -17.09
C SER H 55 -3.44 -29.35 -16.83
N PHE H 56 -4.03 -28.76 -17.86
CA PHE H 56 -4.87 -27.58 -17.74
C PHE H 56 -6.32 -27.96 -17.92
N SER H 57 -7.17 -27.50 -17.01
CA SER H 57 -8.61 -27.72 -17.16
C SER H 57 -9.19 -26.82 -18.24
N THR H 58 -8.72 -25.57 -18.31
CA THR H 58 -9.18 -24.61 -19.30
C THR H 58 -8.01 -24.08 -20.10
N PHE H 59 -8.18 -24.05 -21.43
CA PHE H 59 -7.26 -23.38 -22.34
C PHE H 59 -8.13 -22.87 -23.49
N LYS H 60 -8.63 -21.65 -23.35
CA LYS H 60 -9.56 -21.05 -24.30
C LYS H 60 -8.95 -19.77 -24.84
N CYS H 61 -8.73 -19.72 -26.16
CA CYS H 61 -8.03 -18.60 -26.74
C CYS H 61 -8.97 -17.78 -27.62
N TYR H 62 -8.79 -16.46 -27.58
CA TYR H 62 -9.70 -15.50 -28.19
C TYR H 62 -9.05 -14.63 -29.26
N GLY H 63 -7.73 -14.77 -29.46
CA GLY H 63 -6.99 -14.06 -30.46
C GLY H 63 -6.72 -14.96 -31.65
N VAL H 64 -5.53 -15.57 -31.70
CA VAL H 64 -5.18 -16.51 -32.74
C VAL H 64 -5.04 -17.89 -32.09
N SER H 65 -4.98 -18.92 -32.93
CA SER H 65 -5.04 -20.30 -32.48
C SER H 65 -3.87 -20.62 -31.54
N PRO H 66 -4.09 -21.53 -30.57
CA PRO H 66 -3.04 -21.82 -29.60
C PRO H 66 -1.88 -22.63 -30.17
N THR H 67 -2.19 -23.57 -31.06
CA THR H 67 -1.14 -24.30 -31.76
C THR H 67 -0.35 -23.40 -32.69
N LYS H 68 -0.98 -22.33 -33.17
CA LYS H 68 -0.36 -21.35 -34.06
C LYS H 68 0.06 -20.10 -33.31
N LEU H 69 0.53 -20.25 -32.07
CA LEU H 69 0.81 -19.12 -31.19
C LEU H 69 2.25 -18.64 -31.29
N ASN H 70 3.22 -19.56 -31.30
CA ASN H 70 4.63 -19.20 -31.28
C ASN H 70 5.16 -18.86 -32.66
N ASP H 71 4.29 -18.55 -33.62
CA ASP H 71 4.68 -18.06 -34.93
C ASP H 71 4.10 -16.67 -35.17
N LEU H 72 3.80 -15.94 -34.10
CA LEU H 72 3.31 -14.57 -34.20
C LEU H 72 4.07 -13.72 -33.20
N CYS H 73 4.54 -12.56 -33.64
CA CYS H 73 5.26 -11.64 -32.78
C CYS H 73 4.38 -10.49 -32.34
N PHE H 74 4.57 -10.08 -31.09
CA PHE H 74 3.68 -9.15 -30.42
C PHE H 74 4.50 -8.01 -29.83
N THR H 75 3.86 -6.84 -29.73
CA THR H 75 4.52 -5.69 -29.12
C THR H 75 4.79 -5.93 -27.64
N ASN H 76 3.92 -6.68 -26.96
CA ASN H 76 4.04 -6.80 -25.51
C ASN H 76 3.10 -7.91 -25.04
N VAL H 77 3.46 -8.53 -23.91
CA VAL H 77 2.68 -9.62 -23.33
C VAL H 77 2.53 -9.38 -21.83
N TYR H 78 1.31 -9.60 -21.33
CA TYR H 78 1.02 -9.55 -19.90
C TYR H 78 0.53 -10.90 -19.43
N ALA H 79 0.89 -11.26 -18.20
CA ALA H 79 0.54 -12.56 -17.61
C ALA H 79 -0.13 -12.31 -16.26
N ASP H 80 -1.45 -12.15 -16.28
CA ASP H 80 -2.22 -11.97 -15.06
C ASP H 80 -2.49 -13.32 -14.42
N SER H 81 -2.26 -13.42 -13.11
CA SER H 81 -2.37 -14.69 -12.41
C SER H 81 -3.00 -14.50 -11.05
N PHE H 82 -3.91 -15.41 -10.71
CA PHE H 82 -4.67 -15.34 -9.48
C PHE H 82 -5.29 -16.71 -9.22
N VAL H 83 -6.10 -16.79 -8.16
CA VAL H 83 -6.77 -18.02 -7.79
C VAL H 83 -8.25 -17.72 -7.56
N ILE H 84 -9.13 -18.52 -8.16
CA ILE H 84 -10.56 -18.40 -7.98
C ILE H 84 -11.14 -19.80 -7.83
N ARG H 85 -12.44 -19.85 -7.54
CA ARG H 85 -13.17 -21.12 -7.54
C ARG H 85 -13.20 -21.70 -8.95
N GLY H 86 -13.48 -23.00 -9.02
CA GLY H 86 -13.72 -23.61 -10.31
C GLY H 86 -15.05 -23.26 -10.92
N ASP H 87 -15.99 -22.80 -10.11
CA ASP H 87 -17.29 -22.36 -10.59
C ASP H 87 -17.24 -20.99 -11.23
N GLU H 88 -16.10 -20.29 -11.15
CA GLU H 88 -16.00 -18.93 -11.62
C GLU H 88 -15.01 -18.74 -12.77
N VAL H 89 -14.38 -19.82 -13.23
CA VAL H 89 -13.58 -19.74 -14.46
C VAL H 89 -14.45 -19.36 -15.64
N ARG H 90 -15.76 -19.60 -15.52
CA ARG H 90 -16.73 -19.13 -16.51
C ARG H 90 -16.62 -17.63 -16.75
N GLN H 91 -16.26 -16.85 -15.73
CA GLN H 91 -16.28 -15.40 -15.83
C GLN H 91 -14.96 -14.82 -16.32
N ILE H 92 -13.94 -15.64 -16.52
CA ILE H 92 -12.67 -15.16 -17.09
C ILE H 92 -12.79 -15.36 -18.60
N ALA H 93 -13.45 -14.40 -19.24
CA ALA H 93 -13.74 -14.42 -20.66
C ALA H 93 -14.36 -13.07 -21.01
N PRO H 94 -14.23 -12.62 -22.25
CA PRO H 94 -14.82 -11.33 -22.61
C PRO H 94 -16.33 -11.36 -22.54
N GLY H 95 -16.92 -10.24 -22.09
CA GLY H 95 -18.36 -10.12 -22.04
C GLY H 95 -19.05 -10.95 -20.98
N GLN H 96 -18.34 -11.33 -19.92
CA GLN H 96 -18.92 -12.12 -18.84
C GLN H 96 -19.30 -11.21 -17.67
N THR H 97 -20.16 -11.73 -16.80
CA THR H 97 -20.67 -10.97 -15.67
C THR H 97 -20.70 -11.85 -14.43
N GLY H 98 -20.64 -11.22 -13.28
CA GLY H 98 -20.58 -11.91 -12.02
C GLY H 98 -19.71 -11.13 -11.05
N LYS H 99 -19.59 -11.67 -9.84
CA LYS H 99 -18.80 -10.98 -8.82
C LYS H 99 -17.33 -10.87 -9.24
N ILE H 100 -16.76 -11.96 -9.78
CA ILE H 100 -15.37 -11.92 -10.23
C ILE H 100 -15.21 -10.95 -11.39
N ALA H 101 -16.12 -11.00 -12.36
CA ALA H 101 -15.99 -10.17 -13.54
C ALA H 101 -16.28 -8.70 -13.22
N ASP H 102 -17.30 -8.43 -12.41
CA ASP H 102 -17.66 -7.05 -12.13
C ASP H 102 -16.67 -6.39 -11.17
N TYR H 103 -16.29 -7.08 -10.09
CA TYR H 103 -15.56 -6.42 -9.02
C TYR H 103 -14.15 -6.94 -8.80
N ASN H 104 -13.71 -7.94 -9.53
CA ASN H 104 -12.36 -8.44 -9.28
C ASN H 104 -11.45 -8.43 -10.49
N TYR H 105 -11.94 -8.84 -11.66
CA TYR H 105 -11.09 -8.92 -12.85
C TYR H 105 -11.99 -8.87 -14.07
N LYS H 106 -11.78 -7.88 -14.93
CA LYS H 106 -12.64 -7.65 -16.09
C LYS H 106 -11.82 -7.81 -17.36
N LEU H 107 -12.20 -8.79 -18.19
CA LEU H 107 -11.57 -8.97 -19.48
C LEU H 107 -12.24 -8.10 -20.53
N PRO H 108 -11.49 -7.27 -21.26
CA PRO H 108 -12.10 -6.45 -22.31
C PRO H 108 -12.72 -7.32 -23.38
N ASP H 109 -13.83 -6.85 -23.94
CA ASP H 109 -14.56 -7.64 -24.92
C ASP H 109 -13.81 -7.73 -26.24
N ASP H 110 -12.75 -6.96 -26.43
CA ASP H 110 -11.84 -7.08 -27.56
C ASP H 110 -10.59 -7.86 -27.18
N PHE H 111 -10.73 -8.85 -26.31
CA PHE H 111 -9.59 -9.54 -25.73
C PHE H 111 -8.81 -10.30 -26.81
N THR H 112 -7.50 -10.08 -26.85
CA THR H 112 -6.59 -10.84 -27.68
C THR H 112 -5.56 -11.48 -26.76
N GLY H 113 -5.58 -12.79 -26.69
CA GLY H 113 -4.79 -13.55 -25.75
C GLY H 113 -5.64 -14.70 -25.27
N CYS H 114 -5.18 -15.36 -24.21
CA CYS H 114 -6.04 -16.40 -23.68
C CYS H 114 -5.72 -16.78 -22.23
N VAL H 115 -6.73 -17.40 -21.62
CA VAL H 115 -6.79 -17.68 -20.19
C VAL H 115 -6.48 -19.15 -19.97
N ILE H 116 -5.70 -19.44 -18.95
CA ILE H 116 -5.28 -20.80 -18.63
C ILE H 116 -5.56 -21.05 -17.16
N ALA H 117 -6.41 -22.03 -16.88
CA ALA H 117 -6.80 -22.36 -15.51
C ALA H 117 -6.62 -23.86 -15.30
N TRP H 118 -6.14 -24.23 -14.11
CA TRP H 118 -5.95 -25.63 -13.78
C TRP H 118 -6.22 -25.85 -12.31
N ASN H 119 -6.92 -26.93 -12.00
CA ASN H 119 -7.31 -27.23 -10.63
C ASN H 119 -6.09 -27.35 -9.73
N SER H 120 -6.13 -26.64 -8.60
CA SER H 120 -5.03 -26.58 -7.65
C SER H 120 -5.51 -26.89 -6.25
N ASN H 121 -6.46 -27.82 -6.14
CA ASN H 121 -6.96 -28.20 -4.82
C ASN H 121 -5.88 -28.84 -3.97
N ASN H 122 -4.89 -29.48 -4.58
CA ASN H 122 -3.82 -30.09 -3.82
C ASN H 122 -2.90 -29.08 -3.16
N LEU H 123 -2.90 -27.84 -3.63
CA LEU H 123 -2.00 -26.79 -3.17
C LEU H 123 -2.69 -25.72 -2.36
N ASP H 124 -3.84 -25.23 -2.83
CA ASP H 124 -4.47 -24.06 -2.25
C ASP H 124 -5.59 -24.38 -1.28
N SER H 125 -5.84 -25.66 -1.01
CA SER H 125 -6.86 -26.06 -0.06
C SER H 125 -6.20 -26.70 1.16
N LYS H 126 -6.71 -26.37 2.33
CA LYS H 126 -6.13 -26.77 3.60
C LYS H 126 -7.20 -27.42 4.46
N VAL H 127 -6.81 -28.44 5.21
CA VAL H 127 -7.75 -29.10 6.12
C VAL H 127 -8.22 -28.07 7.15
N GLY H 128 -9.52 -27.82 7.18
CA GLY H 128 -10.06 -26.78 8.04
C GLY H 128 -10.09 -25.40 7.42
N GLY H 129 -10.02 -25.30 6.10
CA GLY H 129 -10.13 -24.03 5.43
C GLY H 129 -8.79 -23.42 5.08
N ASN H 130 -8.73 -22.73 3.95
CA ASN H 130 -7.58 -21.93 3.55
C ASN H 130 -8.10 -20.52 3.29
N TYR H 131 -7.87 -19.62 4.25
CA TYR H 131 -8.49 -18.31 4.24
C TYR H 131 -7.56 -17.22 3.73
N ASN H 132 -6.55 -17.57 2.94
CA ASN H 132 -5.59 -16.60 2.45
C ASN H 132 -5.97 -16.01 1.09
N TYR H 133 -7.00 -16.51 0.44
CA TYR H 133 -7.46 -16.00 -0.83
C TYR H 133 -8.76 -15.23 -0.65
N LEU H 134 -8.82 -14.04 -1.24
CA LEU H 134 -9.92 -13.12 -1.00
C LEU H 134 -10.46 -12.60 -2.33
N TYR H 135 -11.78 -12.53 -2.44
CA TYR H 135 -12.43 -11.86 -3.55
C TYR H 135 -13.21 -10.66 -3.03
N ARG H 136 -13.23 -9.59 -3.82
CA ARG H 136 -14.01 -8.42 -3.47
C ARG H 136 -15.48 -8.71 -3.71
N LEU H 137 -16.29 -8.54 -2.68
CA LEU H 137 -17.71 -8.83 -2.76
C LEU H 137 -18.57 -7.58 -2.88
N PHE H 138 -18.11 -6.47 -2.33
CA PHE H 138 -18.89 -5.24 -2.26
C PHE H 138 -18.20 -4.15 -3.05
N ARG H 139 -18.92 -3.57 -4.02
CA ARG H 139 -18.42 -2.44 -4.77
C ARG H 139 -19.60 -1.68 -5.34
N LYS H 140 -19.41 -0.37 -5.54
CA LYS H 140 -20.48 0.44 -6.09
C LYS H 140 -20.67 0.23 -7.59
N SER H 141 -19.57 0.08 -8.33
CA SER H 141 -19.64 -0.04 -9.77
C SER H 141 -18.63 -1.06 -10.26
N ASN H 142 -18.83 -1.53 -11.49
CA ASN H 142 -17.95 -2.52 -12.07
C ASN H 142 -16.61 -1.89 -12.46
N LEU H 143 -15.58 -2.73 -12.46
CA LEU H 143 -14.27 -2.28 -12.90
C LEU H 143 -14.21 -2.12 -14.41
N LYS H 144 -13.32 -1.27 -14.85
CA LYS H 144 -12.95 -1.12 -16.25
C LYS H 144 -12.09 -2.32 -16.67
N PRO H 145 -12.02 -2.61 -17.97
CA PRO H 145 -11.17 -3.71 -18.42
C PRO H 145 -9.73 -3.56 -17.95
N PHE H 146 -9.22 -4.62 -17.31
CA PHE H 146 -7.89 -4.69 -16.73
C PHE H 146 -7.69 -3.67 -15.61
N GLU H 147 -8.77 -3.24 -14.96
CA GLU H 147 -8.64 -2.41 -13.76
C GLU H 147 -8.28 -3.27 -12.56
N ARG H 148 -7.38 -2.76 -11.73
CA ARG H 148 -7.04 -3.40 -10.46
C ARG H 148 -7.59 -2.56 -9.33
N ASP H 149 -7.98 -3.23 -8.24
CA ASP H 149 -8.57 -2.56 -7.09
C ASP H 149 -8.14 -3.28 -5.82
N ILE H 150 -7.23 -2.66 -5.07
CA ILE H 150 -6.71 -3.25 -3.85
C ILE H 150 -7.09 -2.42 -2.63
N SER H 151 -8.13 -1.62 -2.73
CA SER H 151 -8.61 -0.79 -1.62
C SER H 151 -9.51 -1.60 -0.70
N THR H 152 -9.43 -1.30 0.60
CA THR H 152 -10.14 -2.07 1.62
C THR H 152 -10.97 -1.17 2.52
N GLU H 153 -11.49 -0.06 2.00
CA GLU H 153 -12.32 0.80 2.81
C GLU H 153 -13.67 0.14 3.11
N ILE H 154 -14.30 0.57 4.19
CA ILE H 154 -15.57 0.01 4.59
C ILE H 154 -16.65 0.40 3.59
N TYR H 155 -17.49 -0.57 3.23
CA TYR H 155 -18.50 -0.40 2.19
C TYR H 155 -19.82 0.03 2.82
N GLN H 156 -20.28 1.23 2.49
CA GLN H 156 -21.50 1.80 3.04
C GLN H 156 -22.69 1.21 2.31
N ALA H 157 -23.31 0.18 2.89
CA ALA H 157 -24.48 -0.45 2.31
C ALA H 157 -25.78 0.18 2.79
N GLY H 158 -25.70 1.28 3.55
CA GLY H 158 -26.88 1.96 4.03
C GLY H 158 -26.72 3.46 3.94
N SER H 159 -27.74 4.16 4.42
CA SER H 159 -27.70 5.62 4.39
C SER H 159 -26.71 6.18 5.40
N THR H 160 -26.59 5.53 6.55
CA THR H 160 -25.73 6.04 7.62
C THR H 160 -24.26 5.95 7.21
N PRO H 161 -23.48 7.01 7.40
CA PRO H 161 -22.04 6.92 7.13
C PRO H 161 -21.37 5.91 8.04
N CYS H 162 -20.34 5.25 7.52
CA CYS H 162 -19.66 4.20 8.25
C CYS H 162 -18.73 4.72 9.33
N ASN H 163 -18.09 5.87 9.11
CA ASN H 163 -17.14 6.44 10.06
C ASN H 163 -15.98 5.47 10.33
N GLY H 164 -15.65 4.66 9.34
CA GLY H 164 -14.54 3.72 9.46
C GLY H 164 -14.70 2.70 10.56
N VAL H 165 -15.92 2.20 10.76
CA VAL H 165 -16.20 1.21 11.78
C VAL H 165 -17.01 0.11 11.13
N GLU H 166 -16.42 -1.06 10.96
CA GLU H 166 -17.13 -2.20 10.40
C GLU H 166 -18.25 -2.61 11.34
N GLY H 167 -19.48 -2.60 10.83
CA GLY H 167 -20.64 -2.95 11.64
C GLY H 167 -21.85 -3.28 10.81
N PHE H 168 -23.03 -2.91 11.29
CA PHE H 168 -24.26 -3.13 10.54
C PHE H 168 -24.37 -2.11 9.41
N ASN H 169 -24.65 -2.59 8.21
CA ASN H 169 -24.72 -1.80 6.98
C ASN H 169 -23.39 -1.13 6.66
N CYS H 170 -22.30 -1.66 7.18
CA CYS H 170 -20.95 -1.17 6.89
C CYS H 170 -20.01 -2.35 6.93
N TYR H 171 -19.67 -2.89 5.76
CA TYR H 171 -19.03 -4.18 5.64
C TYR H 171 -17.62 -4.05 5.09
N PHE H 172 -16.72 -4.87 5.63
CA PHE H 172 -15.41 -5.01 5.01
C PHE H 172 -15.58 -5.64 3.64
N PRO H 173 -15.03 -5.04 2.58
CA PRO H 173 -15.44 -5.44 1.22
C PRO H 173 -14.90 -6.78 0.77
N LEU H 174 -13.82 -7.28 1.36
CA LEU H 174 -13.23 -8.53 0.91
C LEU H 174 -13.79 -9.71 1.70
N GLN H 175 -14.03 -10.80 1.00
CA GLN H 175 -14.50 -12.04 1.60
C GLN H 175 -13.55 -13.15 1.22
N SER H 176 -13.46 -14.16 2.07
CA SER H 176 -12.44 -15.18 1.96
C SER H 176 -13.04 -16.47 1.41
N TYR H 177 -12.43 -16.99 0.35
CA TYR H 177 -12.70 -18.37 -0.05
C TYR H 177 -12.24 -19.31 1.04
N GLY H 178 -13.15 -20.12 1.55
CA GLY H 178 -12.78 -21.08 2.56
C GLY H 178 -12.42 -22.42 1.95
N PHE H 179 -11.34 -22.45 1.16
CA PHE H 179 -10.99 -23.64 0.40
C PHE H 179 -10.74 -24.82 1.33
N GLN H 180 -11.35 -25.95 1.00
CA GLN H 180 -11.30 -27.14 1.82
C GLN H 180 -11.15 -28.33 0.89
N PRO H 181 -10.29 -29.30 1.21
CA PRO H 181 -10.06 -30.43 0.29
C PRO H 181 -11.28 -31.33 0.10
N THR H 182 -12.33 -31.17 0.90
CA THR H 182 -13.57 -31.92 0.73
C THR H 182 -14.51 -31.27 -0.28
N ASN H 183 -14.17 -30.08 -0.78
CA ASN H 183 -15.07 -29.28 -1.57
C ASN H 183 -15.50 -30.00 -2.85
N GLY H 184 -16.64 -29.58 -3.38
CA GLY H 184 -17.03 -30.00 -4.70
C GLY H 184 -16.13 -29.39 -5.75
N VAL H 185 -16.08 -30.02 -6.92
CA VAL H 185 -15.13 -29.59 -7.95
C VAL H 185 -15.42 -28.17 -8.41
N GLY H 186 -16.65 -27.68 -8.24
CA GLY H 186 -16.95 -26.30 -8.54
C GLY H 186 -16.46 -25.31 -7.51
N TYR H 187 -16.21 -25.77 -6.28
CA TYR H 187 -15.79 -24.90 -5.20
C TYR H 187 -14.34 -25.12 -4.80
N GLN H 188 -13.61 -25.92 -5.55
CA GLN H 188 -12.19 -26.14 -5.32
C GLN H 188 -11.38 -25.00 -5.94
N PRO H 189 -10.17 -24.77 -5.46
CA PRO H 189 -9.37 -23.65 -5.98
C PRO H 189 -8.82 -23.93 -7.37
N TYR H 190 -8.77 -22.89 -8.20
CA TYR H 190 -8.28 -22.99 -9.57
C TYR H 190 -7.30 -21.86 -9.83
N ARG H 191 -6.03 -22.20 -9.98
CA ARG H 191 -5.05 -21.21 -10.41
C ARG H 191 -5.29 -20.85 -11.87
N VAL H 192 -5.24 -19.56 -12.16
CA VAL H 192 -5.59 -19.01 -13.47
C VAL H 192 -4.48 -18.11 -13.96
N VAL H 193 -4.07 -18.27 -15.21
CA VAL H 193 -3.16 -17.36 -15.89
C VAL H 193 -3.86 -16.81 -17.11
N VAL H 194 -3.78 -15.49 -17.30
CA VAL H 194 -4.53 -14.80 -18.36
C VAL H 194 -3.51 -14.03 -19.20
N LEU H 195 -3.06 -14.65 -20.29
CA LEU H 195 -2.07 -14.04 -21.17
C LEU H 195 -2.76 -13.06 -22.13
N SER H 196 -2.25 -11.84 -22.18
CA SER H 196 -2.74 -10.82 -23.10
C SER H 196 -1.64 -10.42 -24.06
N PHE H 197 -1.99 -10.27 -25.33
CA PHE H 197 -1.06 -9.90 -26.37
C PHE H 197 -1.44 -8.55 -26.97
N GLU H 198 -0.43 -7.79 -27.38
CA GLU H 198 -0.67 -6.52 -28.07
C GLU H 198 0.41 -6.24 -29.12
N ALA H 204 7.40 -5.34 -32.28
CA ALA H 204 7.15 -6.77 -32.06
C ALA H 204 8.36 -7.41 -31.39
N THR H 205 8.36 -7.38 -30.06
CA THR H 205 9.53 -7.78 -29.29
C THR H 205 9.49 -9.22 -28.80
N VAL H 206 8.34 -9.88 -28.78
CA VAL H 206 8.21 -11.24 -28.28
C VAL H 206 7.58 -12.12 -29.33
N CYS H 207 8.23 -13.24 -29.64
CA CYS H 207 7.65 -14.36 -30.39
C CYS H 207 8.62 -15.53 -30.33
N GLY H 208 8.27 -16.61 -31.02
CA GLY H 208 8.99 -17.87 -30.90
C GLY H 208 10.29 -17.95 -31.65
#